data_4GPF
#
_entry.id   4GPF
#
_cell.length_a   53.937
_cell.length_b   62.539
_cell.length_c   107.589
_cell.angle_alpha   90.00
_cell.angle_beta   101.09
_cell.angle_gamma   90.00
#
_symmetry.space_group_name_H-M   'P 1 21 1'
#
loop_
_entity.id
_entity.type
_entity.pdbx_description
1 polymer 'Heme oxygenase'
2 non-polymer 'BILIVERDINE IX ALPHA'
3 non-polymer 'FE (III) ION'
4 non-polymer 'SULFATE ION'
5 water water
#
_entity_poly.entity_id   1
_entity_poly.type   'polypeptide(L)'
_entity_poly.pdbx_seq_one_letter_code
;MTTATAGLAVELKQSTAQAHEKAEHSTFMSDLLKGRLGVAEFTRLQEQAWLFYTALEQAVDAVRASGFAESLLDPALNRA
EVLARDLDKLNGSSEWRSRITASPAVIDYVNRLEEIRDNVDGPALVAHHYVRYLGDLSGGQVIARMMQRHYGVDPEALGF
YHFEGIAKLKVYKDEYREKLNNLELSDEQREHLLKEATDAFVFNHQVFADLGKGL
;
_entity_poly.pdbx_strand_id   A,B,C
#
loop_
_chem_comp.id
_chem_comp.type
_chem_comp.name
_chem_comp.formula
BLA non-polymer 'BILIVERDINE IX ALPHA' 'C33 H34 N4 O6'
FE non-polymer 'FE (III) ION' 'Fe 3'
SO4 non-polymer 'SULFATE ION' 'O4 S -2'
#
# COMPACT_ATOMS: atom_id res chain seq x y z
N GLY A 7 17.89 -16.74 -14.21
CA GLY A 7 18.67 -16.00 -13.15
C GLY A 7 18.29 -14.54 -13.10
N LEU A 8 18.73 -13.81 -12.06
CA LEU A 8 18.30 -12.42 -11.92
C LEU A 8 18.71 -11.47 -13.04
N ALA A 9 19.91 -11.63 -13.60
CA ALA A 9 20.38 -10.70 -14.63
C ALA A 9 19.43 -10.76 -15.86
N VAL A 10 19.08 -11.98 -16.27
CA VAL A 10 18.17 -12.26 -17.36
C VAL A 10 16.75 -11.73 -17.04
N GLU A 11 16.25 -12.03 -15.83
CA GLU A 11 14.96 -11.57 -15.41
C GLU A 11 14.94 -10.03 -15.47
N LEU A 12 16.05 -9.37 -15.06
CA LEU A 12 16.05 -7.89 -15.03
C LEU A 12 15.95 -7.29 -16.42
N LYS A 13 16.77 -7.86 -17.30
CA LYS A 13 16.84 -7.40 -18.66
C LYS A 13 15.49 -7.55 -19.34
N GLN A 14 14.87 -8.72 -19.18
CA GLN A 14 13.60 -8.98 -19.85
C GLN A 14 12.45 -8.18 -19.24
N SER A 15 12.36 -8.20 -17.92
CA SER A 15 11.34 -7.50 -17.17
C SER A 15 11.35 -6.01 -17.46
N THR A 16 12.50 -5.46 -17.84
CA THR A 16 12.59 -4.03 -17.98
C THR A 16 12.68 -3.60 -19.43
N ALA A 17 12.70 -4.56 -20.35
CA ALA A 17 13.00 -4.27 -21.76
C ALA A 17 12.12 -3.19 -22.38
N GLN A 18 10.84 -3.24 -22.01
CA GLN A 18 9.84 -2.30 -22.47
C GLN A 18 10.17 -0.91 -21.96
N ALA A 19 10.35 -0.83 -20.64
CA ALA A 19 10.74 0.41 -20.02
C ALA A 19 12.08 0.97 -20.56
N HIS A 20 13.13 0.12 -20.76
CA HIS A 20 14.44 0.54 -21.42
C HIS A 20 14.16 1.16 -22.77
N GLU A 21 13.14 0.65 -23.45
CA GLU A 21 12.82 1.09 -24.81
C GLU A 21 12.12 2.44 -24.85
N LYS A 22 11.13 2.61 -23.98
CA LYS A 22 10.51 3.92 -23.76
C LYS A 22 11.58 4.98 -23.48
N ALA A 23 12.47 4.72 -22.52
CA ALA A 23 13.51 5.72 -22.12
C ALA A 23 14.55 6.01 -23.22
N GLU A 24 15.08 4.93 -23.79
CA GLU A 24 16.09 5.00 -24.83
C GLU A 24 15.60 5.81 -26.01
N HIS A 25 14.34 5.63 -26.42
CA HIS A 25 13.83 6.34 -27.62
C HIS A 25 13.05 7.61 -27.32
N SER A 26 13.26 8.19 -26.15
CA SER A 26 12.68 9.47 -25.85
C SER A 26 13.19 10.52 -26.87
N THR A 27 12.39 11.55 -27.10
CA THR A 27 12.74 12.52 -28.10
C THR A 27 14.05 13.30 -27.83
N PHE A 28 14.28 13.65 -26.57
CA PHE A 28 15.48 14.44 -26.22
C PHE A 28 16.74 13.64 -26.43
N MET A 29 16.74 12.40 -25.97
CA MET A 29 17.90 11.56 -26.13
C MET A 29 18.08 11.21 -27.59
N SER A 30 16.98 10.91 -28.28
CA SER A 30 17.07 10.65 -29.73
C SER A 30 17.67 11.85 -30.53
N ASP A 31 17.21 13.04 -30.19
CA ASP A 31 17.68 14.27 -30.85
C ASP A 31 19.15 14.51 -30.45
N LEU A 32 19.47 14.25 -29.19
CA LEU A 32 20.81 14.51 -28.68
C LEU A 32 21.78 13.64 -29.42
N LEU A 33 21.47 12.33 -29.52
CA LEU A 33 22.38 11.34 -30.14
C LEU A 33 22.51 11.46 -31.66
N LYS A 34 21.50 12.01 -32.33
CA LYS A 34 21.47 12.19 -33.80
C LYS A 34 22.22 13.45 -34.24
N GLY A 35 22.56 14.31 -33.28
CA GLY A 35 23.35 15.49 -33.57
C GLY A 35 22.45 16.70 -33.77
N ARG A 36 21.17 16.54 -33.42
CA ARG A 36 20.14 17.61 -33.59
C ARG A 36 20.30 18.73 -32.58
N LEU A 37 21.02 18.47 -31.50
CA LEU A 37 21.04 19.41 -30.41
C LEU A 37 22.41 20.05 -30.29
N GLY A 38 23.01 20.01 -29.11
CA GLY A 38 24.23 20.77 -28.87
C GLY A 38 24.88 20.43 -27.56
N VAL A 39 26.13 20.87 -27.39
CA VAL A 39 26.85 20.70 -26.12
C VAL A 39 26.09 21.32 -24.96
N ALA A 40 25.38 22.43 -25.19
CA ALA A 40 24.56 23.06 -24.12
C ALA A 40 23.50 22.08 -23.62
N GLU A 41 22.84 21.40 -24.54
CA GLU A 41 21.85 20.40 -24.11
C GLU A 41 22.53 19.21 -23.43
N PHE A 42 23.67 18.80 -23.95
CA PHE A 42 24.40 17.74 -23.27
C PHE A 42 24.82 18.22 -21.91
N THR A 43 25.26 19.49 -21.80
CA THR A 43 25.64 20.06 -20.50
C THR A 43 24.44 20.07 -19.51
N ARG A 44 23.24 20.40 -19.98
CA ARG A 44 22.06 20.34 -19.13
C ARG A 44 21.74 18.94 -18.58
N LEU A 45 21.88 17.92 -19.44
CA LEU A 45 21.69 16.53 -19.04
C LEU A 45 22.67 16.13 -17.93
N GLN A 46 23.93 16.47 -18.14
CA GLN A 46 25.01 16.10 -17.17
C GLN A 46 24.77 16.82 -15.82
N GLU A 47 24.23 18.03 -15.89
CA GLU A 47 23.91 18.77 -14.66
C GLU A 47 22.79 18.04 -13.89
N GLN A 48 21.74 17.61 -14.61
CA GLN A 48 20.65 16.88 -13.98
C GLN A 48 21.22 15.52 -13.51
N ALA A 49 22.01 14.85 -14.33
CA ALA A 49 22.67 13.60 -13.88
C ALA A 49 23.55 13.80 -12.61
N TRP A 50 24.22 14.94 -12.49
CA TRP A 50 25.03 15.14 -11.29
C TRP A 50 24.14 15.08 -10.03
N LEU A 51 23.02 15.78 -10.08
CA LEU A 51 21.99 15.72 -9.00
C LEU A 51 21.52 14.33 -8.66
N PHE A 52 21.16 13.53 -9.66
CA PHE A 52 20.71 12.22 -9.32
C PHE A 52 21.79 11.17 -9.04
N TYR A 53 22.97 11.26 -9.68
CA TYR A 53 24.09 10.45 -9.26
C TYR A 53 24.55 10.75 -7.84
N THR A 54 24.47 12.01 -7.42
CA THR A 54 24.88 12.39 -6.06
C THR A 54 23.98 11.65 -5.06
N ALA A 55 22.66 11.69 -5.30
CA ALA A 55 21.71 10.95 -4.45
C ALA A 55 21.94 9.43 -4.54
N LEU A 56 22.05 8.90 -5.77
CA LEU A 56 22.25 7.47 -5.98
C LEU A 56 23.42 7.01 -5.13
N GLU A 57 24.51 7.79 -5.15
CA GLU A 57 25.74 7.32 -4.52
C GLU A 57 25.71 7.39 -2.99
N GLN A 58 24.89 8.27 -2.45
CA GLN A 58 24.63 8.26 -0.98
C GLN A 58 23.87 6.99 -0.64
N ALA A 59 22.89 6.65 -1.46
CA ALA A 59 22.16 5.37 -1.21
C ALA A 59 23.05 4.13 -1.37
N VAL A 60 23.95 4.11 -2.37
CA VAL A 60 24.90 3.03 -2.54
C VAL A 60 25.78 2.95 -1.27
N ASP A 61 26.30 4.08 -0.81
CA ASP A 61 27.14 4.10 0.40
C ASP A 61 26.47 3.50 1.62
N ALA A 62 25.20 3.85 1.82
CA ALA A 62 24.41 3.32 2.95
C ALA A 62 24.25 1.82 2.81
N VAL A 63 23.91 1.38 1.60
CA VAL A 63 23.65 -0.05 1.40
C VAL A 63 24.90 -0.88 1.45
N ARG A 64 25.97 -0.39 0.84
CA ARG A 64 27.29 -1.07 0.98
C ARG A 64 27.71 -1.22 2.45
N ALA A 65 27.65 -0.13 3.21
CA ALA A 65 27.93 -0.14 4.66
C ALA A 65 27.14 -1.18 5.49
N SER A 66 25.91 -1.45 5.08
CA SER A 66 25.03 -2.40 5.80
C SER A 66 25.46 -3.84 5.56
N GLY A 67 26.35 -4.05 4.58
CA GLY A 67 26.87 -5.38 4.24
C GLY A 67 26.12 -6.09 3.12
N PHE A 68 25.17 -5.41 2.50
CA PHE A 68 24.35 -5.97 1.43
C PHE A 68 24.97 -5.78 0.03
N ALA A 69 25.07 -6.86 -0.76
CA ALA A 69 25.56 -6.81 -2.16
C ALA A 69 26.90 -6.10 -2.26
N GLU A 70 27.79 -6.33 -1.30
CA GLU A 70 29.00 -5.47 -1.21
C GLU A 70 29.79 -5.50 -2.48
N SER A 71 30.08 -6.70 -2.97
CA SER A 71 30.99 -6.85 -4.10
C SER A 71 30.45 -6.20 -5.36
N LEU A 72 29.12 -6.12 -5.50
CA LEU A 72 28.51 -5.48 -6.64
C LEU A 72 28.68 -3.95 -6.68
N LEU A 73 28.68 -3.36 -5.47
CA LEU A 73 28.65 -1.92 -5.23
C LEU A 73 30.08 -1.44 -5.12
N ASP A 74 30.82 -1.71 -6.19
CA ASP A 74 32.19 -1.30 -6.40
C ASP A 74 32.29 0.24 -6.41
N PRO A 75 33.06 0.79 -5.46
CA PRO A 75 33.27 2.23 -5.38
C PRO A 75 33.92 2.79 -6.66
N ALA A 76 34.57 1.92 -7.44
CA ALA A 76 35.14 2.37 -8.71
C ALA A 76 34.11 2.90 -9.68
N LEU A 77 32.84 2.50 -9.52
CA LEU A 77 31.75 3.03 -10.34
C LEU A 77 31.29 4.44 -10.02
N ASN A 78 31.65 4.98 -8.86
CA ASN A 78 31.15 6.30 -8.48
C ASN A 78 31.37 7.31 -9.58
N ARG A 79 30.34 8.07 -9.91
CA ARG A 79 30.40 9.07 -11.00
C ARG A 79 30.30 10.48 -10.55
N ALA A 80 29.74 10.75 -9.36
CA ALA A 80 29.46 12.15 -9.04
C ALA A 80 30.69 13.07 -9.12
N GLU A 81 31.83 12.62 -8.62
CA GLU A 81 33.01 13.46 -8.65
C GLU A 81 33.59 13.70 -10.03
N VAL A 82 33.63 12.68 -10.88
CA VAL A 82 34.08 12.89 -12.26
C VAL A 82 33.12 13.80 -13.00
N LEU A 83 31.82 13.64 -12.73
CA LEU A 83 30.79 14.46 -13.38
C LEU A 83 30.99 15.91 -13.04
N ALA A 84 31.25 16.20 -11.76
CA ALA A 84 31.51 17.62 -11.37
C ALA A 84 32.65 18.16 -12.17
N ARG A 85 33.74 17.39 -12.23
CA ARG A 85 34.91 17.77 -13.01
C ARG A 85 34.59 18.00 -14.49
N ASP A 86 33.77 17.11 -15.10
CA ASP A 86 33.27 17.32 -16.49
C ASP A 86 32.46 18.58 -16.60
N LEU A 87 31.63 18.84 -15.57
CA LEU A 87 30.78 20.04 -15.55
C LEU A 87 31.59 21.32 -15.38
N ASP A 88 32.64 21.28 -14.56
CA ASP A 88 33.59 22.40 -14.56
C ASP A 88 34.21 22.70 -15.94
N LYS A 89 34.50 21.65 -16.70
CA LYS A 89 35.09 21.88 -18.02
C LYS A 89 34.02 22.36 -18.98
N LEU A 90 32.90 21.68 -19.05
CA LEU A 90 31.81 22.09 -19.95
C LEU A 90 31.32 23.53 -19.69
N ASN A 91 31.16 23.90 -18.43
CA ASN A 91 30.67 25.26 -18.11
C ASN A 91 31.78 26.32 -17.97
N GLY A 92 33.03 25.88 -17.86
CA GLY A 92 34.16 26.82 -17.84
C GLY A 92 34.44 27.42 -16.49
N SER A 93 33.70 26.97 -15.48
CA SER A 93 33.91 27.36 -14.07
C SER A 93 32.98 26.55 -13.20
N SER A 94 32.95 26.87 -11.91
CA SER A 94 32.01 26.23 -10.98
C SER A 94 30.75 27.02 -10.72
N GLU A 95 30.46 28.02 -11.57
CA GLU A 95 29.21 28.80 -11.48
C GLU A 95 27.98 27.91 -11.46
N TRP A 96 28.09 26.75 -12.13
CA TRP A 96 27.00 25.82 -12.27
C TRP A 96 26.47 25.26 -10.97
N ARG A 97 27.34 25.14 -9.99
CA ARG A 97 26.90 24.62 -8.70
C ARG A 97 25.81 25.46 -8.02
N SER A 98 25.86 26.77 -8.23
CA SER A 98 24.86 27.67 -7.64
C SER A 98 23.71 27.91 -8.58
N ARG A 99 23.92 27.67 -9.87
CA ARG A 99 22.89 27.98 -10.84
C ARG A 99 21.88 26.82 -10.96
N ILE A 100 22.38 25.58 -11.01
CA ILE A 100 21.51 24.47 -11.43
C ILE A 100 20.36 24.23 -10.44
N THR A 101 19.21 23.79 -10.96
CA THR A 101 18.09 23.40 -10.09
C THR A 101 17.55 22.05 -10.62
N ALA A 102 17.08 21.16 -9.73
CA ALA A 102 16.52 19.91 -10.16
C ALA A 102 15.23 20.15 -10.95
N SER A 103 15.11 19.49 -12.10
CA SER A 103 13.89 19.57 -12.85
C SER A 103 12.91 18.79 -12.00
N PRO A 104 11.60 18.90 -12.29
CA PRO A 104 10.63 18.09 -11.57
C PRO A 104 10.88 16.58 -11.59
N ALA A 105 11.31 16.03 -12.73
CA ALA A 105 11.62 14.60 -12.80
C ALA A 105 12.71 14.18 -11.83
N VAL A 106 13.73 15.02 -11.71
CA VAL A 106 14.89 14.77 -10.88
C VAL A 106 14.47 14.88 -9.40
N ILE A 107 13.54 15.78 -9.08
CA ILE A 107 13.06 15.84 -7.68
C ILE A 107 12.44 14.51 -7.28
N ASP A 108 11.57 13.97 -8.12
CA ASP A 108 10.97 12.70 -7.82
C ASP A 108 12.04 11.59 -7.74
N TYR A 109 12.95 11.54 -8.72
CA TYR A 109 13.99 10.50 -8.76
C TYR A 109 14.87 10.56 -7.52
N VAL A 110 15.32 11.77 -7.20
CA VAL A 110 16.22 12.01 -6.08
C VAL A 110 15.50 11.67 -4.77
N ASN A 111 14.21 12.03 -4.70
CA ASN A 111 13.38 11.67 -3.54
C ASN A 111 13.30 10.18 -3.27
N ARG A 112 13.06 9.39 -4.33
CA ARG A 112 13.04 7.94 -4.22
C ARG A 112 14.40 7.40 -3.76
N LEU A 113 15.50 7.91 -4.34
CA LEU A 113 16.89 7.55 -3.91
C LEU A 113 17.16 7.85 -2.46
N GLU A 114 16.63 8.98 -2.00
CA GLU A 114 16.84 9.36 -0.59
C GLU A 114 16.02 8.49 0.38
N GLU A 115 14.83 8.08 -0.07
CA GLU A 115 14.03 7.09 0.66
C GLU A 115 14.76 5.74 0.82
N ILE A 116 15.30 5.23 -0.29
CA ILE A 116 16.10 4.01 -0.32
C ILE A 116 17.35 4.14 0.55
N ARG A 117 18.01 5.31 0.47
CA ARG A 117 19.18 5.57 1.29
C ARG A 117 18.78 5.38 2.78
N ASP A 118 17.74 6.11 3.17
CA ASP A 118 17.31 6.19 4.55
C ASP A 118 16.69 4.90 5.10
N ASN A 119 16.01 4.14 4.24
CA ASN A 119 15.48 2.85 4.64
C ASN A 119 16.55 1.80 4.58
N VAL A 120 17.68 2.16 3.98
CA VAL A 120 18.77 1.26 3.67
C VAL A 120 18.18 0.04 2.96
N ASP A 121 17.52 0.30 1.83
CA ASP A 121 16.70 -0.72 1.15
C ASP A 121 17.57 -1.40 0.07
N GLY A 122 18.20 -2.53 0.45
CA GLY A 122 19.20 -3.20 -0.42
C GLY A 122 18.67 -3.62 -1.78
N PRO A 123 17.61 -4.45 -1.80
CA PRO A 123 17.03 -4.83 -3.07
C PRO A 123 16.70 -3.63 -3.99
N ALA A 124 16.07 -2.57 -3.44
CA ALA A 124 15.68 -1.41 -4.26
C ALA A 124 16.89 -0.68 -4.81
N LEU A 125 17.92 -0.56 -3.97
CA LEU A 125 19.13 0.15 -4.39
C LEU A 125 19.81 -0.63 -5.52
N VAL A 126 19.84 -1.95 -5.42
CA VAL A 126 20.43 -2.78 -6.49
C VAL A 126 19.82 -2.52 -7.84
N ALA A 127 18.49 -2.47 -7.87
CA ALA A 127 17.70 -2.15 -9.05
C ALA A 127 18.15 -0.83 -9.69
N HIS A 128 18.34 0.21 -8.87
CA HIS A 128 18.71 1.49 -9.37
C HIS A 128 20.18 1.49 -9.87
N HIS A 129 21.00 0.74 -9.16
CA HIS A 129 22.43 0.50 -9.48
C HIS A 129 22.55 -0.16 -10.84
N TYR A 130 21.81 -1.26 -11.06
CA TYR A 130 21.73 -1.92 -12.37
C TYR A 130 21.33 -0.94 -13.49
N VAL A 131 20.24 -0.22 -13.28
CA VAL A 131 19.71 0.64 -14.35
C VAL A 131 20.69 1.74 -14.76
N ARG A 132 21.27 2.43 -13.77
CA ARG A 132 22.26 3.48 -14.09
C ARG A 132 23.65 2.93 -14.51
N TYR A 133 24.29 2.14 -13.65
CA TYR A 133 25.69 1.73 -13.90
C TYR A 133 25.87 0.75 -15.02
N LEU A 134 24.98 -0.25 -15.17
CA LEU A 134 25.22 -1.22 -16.23
C LEU A 134 24.89 -0.56 -17.58
N GLY A 135 23.93 0.36 -17.57
CA GLY A 135 23.68 1.17 -18.76
C GLY A 135 24.85 2.07 -19.13
N ASP A 136 25.45 2.76 -18.14
CA ASP A 136 26.67 3.57 -18.40
C ASP A 136 27.77 2.76 -19.03
N LEU A 137 28.00 1.56 -18.50
CA LEU A 137 29.06 0.63 -18.98
C LEU A 137 28.72 0.03 -20.32
N SER A 138 27.42 -0.08 -20.61
CA SER A 138 26.93 -0.78 -21.79
C SER A 138 26.88 0.17 -22.97
N GLY A 139 26.08 1.23 -22.83
CA GLY A 139 25.80 2.19 -23.91
C GLY A 139 26.54 3.51 -23.82
N GLY A 140 27.43 3.62 -22.83
CA GLY A 140 28.03 4.89 -22.50
C GLY A 140 29.09 5.27 -23.49
N GLN A 141 29.76 4.29 -24.09
CA GLN A 141 30.80 4.68 -25.05
C GLN A 141 30.17 5.20 -26.34
N VAL A 142 28.96 4.74 -26.62
CA VAL A 142 28.21 5.20 -27.77
C VAL A 142 27.86 6.67 -27.54
N ILE A 143 27.32 6.97 -26.37
CA ILE A 143 26.96 8.36 -26.04
C ILE A 143 28.19 9.27 -26.06
N ALA A 144 29.30 8.83 -25.45
CA ALA A 144 30.52 9.61 -25.46
C ALA A 144 31.03 9.85 -26.91
N ARG A 145 30.98 8.80 -27.71
CA ARG A 145 31.47 8.87 -29.06
C ARG A 145 30.62 9.85 -29.89
N MET A 146 29.32 9.89 -29.65
CA MET A 146 28.42 10.80 -30.35
C MET A 146 28.66 12.24 -29.92
N MET A 147 28.93 12.45 -28.65
CA MET A 147 29.23 13.77 -28.17
C MET A 147 30.50 14.32 -28.80
N GLN A 148 31.54 13.48 -28.96
CA GLN A 148 32.77 13.93 -29.61
C GLN A 148 32.46 14.11 -31.09
N ARG A 149 31.72 13.15 -31.67
CA ARG A 149 31.51 13.16 -33.13
C ARG A 149 30.63 14.28 -33.57
N HIS A 150 29.45 14.39 -32.98
CA HIS A 150 28.49 15.39 -33.42
C HIS A 150 28.82 16.77 -32.97
N TYR A 151 29.35 16.92 -31.75
CA TYR A 151 29.47 18.27 -31.18
C TYR A 151 30.88 18.72 -30.80
N GLY A 152 31.87 17.92 -31.18
CA GLY A 152 33.22 18.28 -30.92
C GLY A 152 33.54 18.38 -29.44
N VAL A 153 32.82 17.67 -28.57
CA VAL A 153 33.09 17.74 -27.12
C VAL A 153 34.42 17.09 -26.81
N ASP A 154 35.24 17.77 -26.02
CA ASP A 154 36.58 17.31 -25.68
C ASP A 154 36.46 16.02 -24.84
N PRO A 155 37.25 14.99 -25.14
CA PRO A 155 37.17 13.78 -24.28
C PRO A 155 37.49 14.01 -22.81
N GLU A 156 38.23 15.08 -22.48
CA GLU A 156 38.45 15.35 -21.06
C GLU A 156 37.21 15.82 -20.28
N ALA A 157 36.16 16.20 -21.02
CA ALA A 157 34.89 16.60 -20.46
C ALA A 157 33.87 15.46 -20.55
N LEU A 158 34.38 14.25 -20.76
CA LEU A 158 33.58 13.08 -20.89
C LEU A 158 34.07 12.01 -19.88
N GLY A 159 34.75 12.44 -18.82
CA GLY A 159 35.14 11.52 -17.74
C GLY A 159 34.06 10.57 -17.23
N PHE A 160 32.83 11.06 -17.16
CA PHE A 160 31.70 10.27 -16.67
C PHE A 160 31.66 8.90 -17.37
N TYR A 161 31.95 8.89 -18.68
CA TYR A 161 31.86 7.66 -19.52
C TYR A 161 33.11 6.77 -19.55
N HIS A 162 34.22 7.23 -18.96
CA HIS A 162 35.49 6.52 -19.06
C HIS A 162 35.80 5.40 -18.08
N PHE A 163 35.15 5.42 -16.93
CA PHE A 163 35.37 4.40 -15.89
C PHE A 163 36.83 4.11 -15.64
N GLU A 164 37.53 5.19 -15.29
CA GLU A 164 38.93 5.16 -14.88
C GLU A 164 39.04 4.16 -13.76
N GLY A 165 39.97 3.21 -13.89
CA GLY A 165 40.12 2.16 -12.92
C GLY A 165 39.56 0.81 -13.34
N ILE A 166 38.83 0.75 -14.43
CA ILE A 166 38.40 -0.51 -15.02
C ILE A 166 39.17 -0.75 -16.32
N ALA A 167 39.84 -1.91 -16.43
CA ALA A 167 40.57 -2.29 -17.62
C ALA A 167 39.63 -2.99 -18.61
N LYS A 168 39.42 -4.31 -18.46
CA LYS A 168 38.56 -5.02 -19.43
C LYS A 168 37.10 -4.87 -19.11
N LEU A 169 36.40 -4.12 -19.96
CA LEU A 169 35.06 -3.73 -19.68
C LEU A 169 34.07 -4.88 -19.86
N LYS A 170 34.23 -5.70 -20.91
CA LYS A 170 33.21 -6.75 -21.13
C LYS A 170 33.26 -7.80 -20.01
N VAL A 171 34.48 -8.12 -19.56
CA VAL A 171 34.66 -8.98 -18.39
C VAL A 171 34.03 -8.36 -17.14
N TYR A 172 34.19 -7.04 -16.94
CA TYR A 172 33.54 -6.36 -15.81
C TYR A 172 32.00 -6.54 -15.84
N LYS A 173 31.40 -6.28 -16.99
CA LYS A 173 29.97 -6.47 -17.18
C LYS A 173 29.56 -7.90 -16.94
N ASP A 174 30.37 -8.84 -17.38
CA ASP A 174 30.02 -10.26 -17.18
C ASP A 174 30.04 -10.64 -15.70
N GLU A 175 31.07 -10.19 -14.98
CA GLU A 175 31.19 -10.36 -13.54
C GLU A 175 30.08 -9.68 -12.74
N TYR A 176 29.67 -8.47 -13.17
CA TYR A 176 28.54 -7.75 -12.60
C TYR A 176 27.23 -8.57 -12.67
N ARG A 177 26.88 -9.07 -13.87
CA ARG A 177 25.78 -10.03 -14.06
C ARG A 177 25.85 -11.31 -13.23
N GLU A 178 27.03 -11.91 -13.13
CA GLU A 178 27.25 -13.08 -12.21
C GLU A 178 26.95 -12.69 -10.75
N LYS A 179 27.41 -11.49 -10.35
CA LYS A 179 27.15 -11.00 -9.01
C LYS A 179 25.66 -10.85 -8.77
N LEU A 180 24.94 -10.22 -9.70
CA LEU A 180 23.45 -10.20 -9.68
C LEU A 180 22.81 -11.60 -9.50
N ASN A 181 23.26 -12.55 -10.31
CA ASN A 181 22.79 -13.93 -10.19
C ASN A 181 23.12 -14.57 -8.86
N ASN A 182 24.04 -13.98 -8.11
CA ASN A 182 24.48 -14.64 -6.88
C ASN A 182 23.88 -14.03 -5.62
N LEU A 183 23.17 -12.91 -5.79
CA LEU A 183 22.56 -12.24 -4.64
C LEU A 183 21.55 -13.14 -4.03
N GLU A 184 21.59 -13.25 -2.70
CA GLU A 184 20.55 -13.98 -1.96
C GLU A 184 19.33 -13.10 -1.82
N LEU A 185 18.19 -13.57 -2.28
CA LEU A 185 16.98 -12.76 -2.27
C LEU A 185 15.77 -13.62 -2.04
N SER A 186 14.94 -13.22 -1.08
CA SER A 186 13.61 -13.79 -0.90
C SER A 186 12.78 -13.46 -2.12
N ASP A 187 11.72 -14.23 -2.35
CA ASP A 187 10.74 -13.95 -3.37
C ASP A 187 10.23 -12.50 -3.19
N GLU A 188 10.00 -12.11 -1.95
CA GLU A 188 9.51 -10.78 -1.66
C GLU A 188 10.54 -9.77 -2.16
N GLN A 189 11.80 -10.03 -1.87
CA GLN A 189 12.88 -9.11 -2.23
C GLN A 189 13.17 -9.06 -3.71
N ARG A 190 13.12 -10.20 -4.38
CA ARG A 190 13.24 -10.25 -5.83
C ARG A 190 12.14 -9.43 -6.50
N GLU A 191 10.90 -9.60 -6.09
CA GLU A 191 9.76 -8.87 -6.67
C GLU A 191 9.96 -7.35 -6.53
N HIS A 192 10.39 -6.93 -5.35
CA HIS A 192 10.51 -5.55 -5.02
C HIS A 192 11.64 -4.95 -5.89
N LEU A 193 12.75 -5.67 -6.00
CA LEU A 193 13.85 -5.26 -6.89
C LEU A 193 13.36 -5.09 -8.32
N LEU A 194 12.62 -6.08 -8.83
CA LEU A 194 12.17 -6.03 -10.23
C LEU A 194 11.22 -4.88 -10.50
N LYS A 195 10.31 -4.61 -9.58
CA LYS A 195 9.38 -3.50 -9.73
C LYS A 195 10.13 -2.17 -9.68
N GLU A 196 11.10 -2.11 -8.77
CA GLU A 196 11.92 -0.92 -8.64
C GLU A 196 12.77 -0.63 -9.90
N ALA A 197 13.25 -1.68 -10.57
CA ALA A 197 13.98 -1.51 -11.86
C ALA A 197 13.12 -0.85 -12.95
N THR A 198 11.85 -1.28 -13.06
CA THR A 198 10.99 -0.61 -13.97
C THR A 198 10.82 0.87 -13.57
N ASP A 199 10.59 1.14 -12.28
CA ASP A 199 10.49 2.54 -11.80
C ASP A 199 11.72 3.37 -12.13
N ALA A 200 12.90 2.77 -11.98
CA ALA A 200 14.17 3.46 -12.32
C ALA A 200 14.15 3.91 -13.78
N PHE A 201 13.77 3.03 -14.70
CA PHE A 201 13.58 3.42 -16.12
C PHE A 201 12.54 4.50 -16.33
N VAL A 202 11.44 4.40 -15.57
CA VAL A 202 10.36 5.39 -15.61
C VAL A 202 10.88 6.80 -15.19
N PHE A 203 11.61 6.87 -14.08
CA PHE A 203 12.25 8.15 -13.65
C PHE A 203 13.14 8.74 -14.73
N ASN A 204 14.01 7.90 -15.30
CA ASN A 204 14.99 8.35 -16.29
C ASN A 204 14.28 8.84 -17.55
N HIS A 205 13.23 8.15 -17.95
CA HIS A 205 12.49 8.62 -19.12
C HIS A 205 11.90 10.00 -18.83
N GLN A 206 11.35 10.19 -17.63
CA GLN A 206 10.78 11.51 -17.31
C GLN A 206 11.86 12.59 -17.24
N VAL A 207 13.06 12.23 -16.78
CA VAL A 207 14.20 13.18 -16.78
C VAL A 207 14.41 13.71 -18.20
N PHE A 208 14.49 12.80 -19.19
CA PHE A 208 14.63 13.21 -20.61
C PHE A 208 13.42 14.00 -21.09
N ALA A 209 12.21 13.55 -20.78
CA ALA A 209 11.04 14.34 -21.16
C ALA A 209 11.20 15.79 -20.66
N ASP A 210 11.50 15.97 -19.38
CA ASP A 210 11.64 17.31 -18.80
C ASP A 210 12.78 18.12 -19.43
N LEU A 211 13.88 17.45 -19.76
CA LEU A 211 14.89 18.10 -20.56
C LEU A 211 14.39 18.53 -21.95
N GLY A 212 13.54 17.71 -22.56
CA GLY A 212 12.98 18.00 -23.87
C GLY A 212 12.17 19.27 -23.81
N LYS A 213 11.58 19.55 -22.66
CA LYS A 213 10.80 20.76 -22.47
C LYS A 213 11.67 21.95 -22.03
N GLY B 7 -8.07 28.88 -12.85
CA GLY B 7 -8.41 27.44 -12.83
C GLY B 7 -8.78 27.02 -11.43
N LEU B 8 -9.61 26.00 -11.31
CA LEU B 8 -9.98 25.46 -10.03
C LEU B 8 -8.79 25.05 -9.12
N ALA B 9 -7.71 24.51 -9.71
CA ALA B 9 -6.62 23.97 -8.89
C ALA B 9 -5.91 25.10 -8.08
N VAL B 10 -5.70 26.23 -8.76
CA VAL B 10 -5.10 27.43 -8.17
C VAL B 10 -6.05 28.05 -7.12
N GLU B 11 -7.31 28.21 -7.52
CA GLU B 11 -8.28 28.71 -6.61
C GLU B 11 -8.43 27.91 -5.30
N LEU B 12 -8.51 26.58 -5.35
CA LEU B 12 -8.49 25.69 -4.15
C LEU B 12 -7.26 25.88 -3.26
N LYS B 13 -6.09 25.87 -3.88
CA LYS B 13 -4.84 26.19 -3.14
C LYS B 13 -4.93 27.53 -2.43
N GLN B 14 -5.38 28.54 -3.15
CA GLN B 14 -5.39 29.89 -2.62
C GLN B 14 -6.50 30.14 -1.63
N SER B 15 -7.67 29.63 -1.98
CA SER B 15 -8.84 29.72 -1.16
C SER B 15 -8.61 29.07 0.19
N THR B 16 -7.88 27.95 0.23
CA THR B 16 -7.76 27.20 1.48
C THR B 16 -6.50 27.52 2.27
N ALA B 17 -5.69 28.46 1.74
CA ALA B 17 -4.36 28.73 2.23
C ALA B 17 -4.37 29.04 3.74
N GLN B 18 -5.19 29.99 4.16
CA GLN B 18 -5.33 30.35 5.57
C GLN B 18 -5.57 29.13 6.50
N ALA B 19 -6.65 28.39 6.20
CA ALA B 19 -7.05 27.21 6.99
C ALA B 19 -6.05 26.04 6.93
N HIS B 20 -5.40 25.91 5.78
CA HIS B 20 -4.30 24.96 5.60
C HIS B 20 -3.11 25.33 6.54
N GLU B 21 -2.75 26.61 6.54
CA GLU B 21 -1.62 27.12 7.34
C GLU B 21 -1.87 26.86 8.82
N LYS B 22 -3.12 27.10 9.22
CA LYS B 22 -3.60 26.84 10.58
C LYS B 22 -3.57 25.34 10.91
N ALA B 23 -4.08 24.48 10.03
CA ALA B 23 -4.01 23.02 10.25
C ALA B 23 -2.56 22.56 10.42
N GLU B 24 -1.70 22.99 9.48
CA GLU B 24 -0.30 22.57 9.49
C GLU B 24 0.51 23.04 10.73
N HIS B 25 0.23 24.25 11.19
CA HIS B 25 0.94 24.82 12.32
C HIS B 25 0.28 24.61 13.68
N SER B 26 -0.63 23.64 13.73
CA SER B 26 -1.23 23.25 14.99
C SER B 26 -0.11 22.71 15.91
N THR B 27 -0.25 23.00 17.20
CA THR B 27 0.70 22.56 18.20
C THR B 27 0.97 21.05 18.20
N PHE B 28 -0.09 20.27 18.01
CA PHE B 28 0.06 18.80 17.97
C PHE B 28 0.91 18.35 16.81
N MET B 29 0.55 18.76 15.59
CA MET B 29 1.35 18.35 14.42
C MET B 29 2.79 18.92 14.46
N SER B 30 2.92 20.17 14.91
CA SER B 30 4.25 20.76 15.22
C SER B 30 5.11 19.85 16.12
N ASP B 31 4.55 19.42 17.24
CA ASP B 31 5.26 18.59 18.18
C ASP B 31 5.63 17.21 17.60
N LEU B 32 4.65 16.57 16.93
CA LEU B 32 4.80 15.25 16.35
C LEU B 32 5.91 15.34 15.33
N LEU B 33 5.80 16.28 14.41
CA LEU B 33 6.75 16.37 13.32
C LEU B 33 8.18 16.77 13.76
N LYS B 34 8.30 17.53 14.87
CA LYS B 34 9.62 17.91 15.42
C LYS B 34 10.22 16.84 16.36
N GLY B 35 9.50 15.74 16.54
CA GLY B 35 10.03 14.65 17.37
C GLY B 35 9.81 14.79 18.86
N ARG B 36 8.90 15.68 19.26
CA ARG B 36 8.64 15.91 20.68
C ARG B 36 7.68 14.93 21.33
N LEU B 37 6.94 14.16 20.53
CA LEU B 37 5.96 13.21 21.05
C LEU B 37 6.55 11.81 20.96
N GLY B 38 5.80 10.86 20.42
CA GLY B 38 6.38 9.54 20.30
C GLY B 38 5.50 8.67 19.45
N VAL B 39 5.94 7.43 19.28
CA VAL B 39 5.21 6.40 18.55
C VAL B 39 3.76 6.29 19.01
N ALA B 40 3.50 6.42 20.31
CA ALA B 40 2.08 6.37 20.78
C ALA B 40 1.18 7.42 20.11
N GLU B 41 1.62 8.68 20.06
CA GLU B 41 0.81 9.74 19.42
C GLU B 41 0.70 9.59 17.90
N PHE B 42 1.76 9.16 17.25
CA PHE B 42 1.63 8.91 15.82
C PHE B 42 0.60 7.79 15.59
N THR B 43 0.68 6.73 16.36
CA THR B 43 -0.28 5.64 16.24
C THR B 43 -1.72 6.16 16.46
N ARG B 44 -1.92 7.03 17.46
CA ARG B 44 -3.30 7.55 17.74
C ARG B 44 -3.81 8.35 16.52
N LEU B 45 -2.90 9.13 15.94
CA LEU B 45 -3.21 9.88 14.69
C LEU B 45 -3.66 8.89 13.61
N GLN B 46 -2.96 7.80 13.48
CA GLN B 46 -3.25 6.86 12.38
C GLN B 46 -4.57 6.08 12.62
N GLU B 47 -4.92 5.90 13.88
CA GLU B 47 -6.20 5.28 14.22
C GLU B 47 -7.34 6.20 13.84
N GLN B 48 -7.20 7.45 14.20
CA GLN B 48 -8.23 8.41 13.81
C GLN B 48 -8.35 8.52 12.30
N ALA B 49 -7.21 8.57 11.58
CA ALA B 49 -7.21 8.64 10.10
C ALA B 49 -7.91 7.39 9.52
N TRP B 50 -7.75 6.23 10.14
CA TRP B 50 -8.42 5.05 9.57
C TRP B 50 -9.94 5.21 9.57
N LEU B 51 -10.43 5.81 10.67
CA LEU B 51 -11.88 6.05 10.80
C LEU B 51 -12.38 7.03 9.76
N PHE B 52 -11.63 8.11 9.55
CA PHE B 52 -12.11 9.14 8.64
C PHE B 52 -11.78 8.79 7.20
N TYR B 53 -10.69 8.07 6.96
CA TYR B 53 -10.51 7.62 5.56
C TYR B 53 -11.50 6.59 5.13
N THR B 54 -11.92 5.72 6.06
CA THR B 54 -12.94 4.72 5.75
C THR B 54 -14.24 5.46 5.29
N ALA B 55 -14.65 6.46 6.06
CA ALA B 55 -15.85 7.24 5.72
C ALA B 55 -15.64 8.04 4.39
N LEU B 56 -14.48 8.66 4.23
CA LEU B 56 -14.13 9.36 2.99
C LEU B 56 -14.27 8.48 1.73
N GLU B 57 -13.71 7.28 1.79
CA GLU B 57 -13.68 6.43 0.65
C GLU B 57 -15.04 5.83 0.34
N GLN B 58 -15.88 5.64 1.37
CA GLN B 58 -17.25 5.33 1.08
C GLN B 58 -17.98 6.48 0.32
N ALA B 59 -17.69 7.74 0.66
CA ALA B 59 -18.29 8.85 -0.01
C ALA B 59 -17.71 8.97 -1.45
N VAL B 60 -16.39 8.74 -1.61
CA VAL B 60 -15.75 8.68 -2.92
C VAL B 60 -16.44 7.59 -3.78
N ASP B 61 -16.62 6.42 -3.23
CA ASP B 61 -17.28 5.34 -3.99
C ASP B 61 -18.67 5.72 -4.44
N ALA B 62 -19.45 6.36 -3.57
CA ALA B 62 -20.81 6.77 -3.94
C ALA B 62 -20.77 7.83 -5.06
N VAL B 63 -19.88 8.80 -4.94
CA VAL B 63 -19.79 9.85 -5.97
C VAL B 63 -19.29 9.28 -7.32
N ARG B 64 -18.26 8.46 -7.28
CA ARG B 64 -17.78 7.85 -8.51
C ARG B 64 -18.91 7.09 -9.22
N ALA B 65 -19.71 6.35 -8.44
CA ALA B 65 -20.85 5.56 -8.98
C ALA B 65 -21.92 6.42 -9.62
N SER B 66 -21.98 7.69 -9.24
CA SER B 66 -22.92 8.59 -9.86
C SER B 66 -22.35 9.18 -11.15
N GLY B 67 -21.05 8.95 -11.42
CA GLY B 67 -20.32 9.44 -12.62
C GLY B 67 -19.85 10.88 -12.53
N PHE B 68 -19.70 11.40 -11.32
CA PHE B 68 -19.17 12.76 -11.19
C PHE B 68 -17.65 12.66 -10.92
N ALA B 69 -16.87 13.46 -11.64
CA ALA B 69 -15.40 13.53 -11.46
C ALA B 69 -14.74 12.17 -11.48
N GLU B 70 -15.24 11.22 -12.27
CA GLU B 70 -14.70 9.88 -12.20
C GLU B 70 -13.19 9.78 -12.36
N SER B 71 -12.61 10.49 -13.33
CA SER B 71 -11.17 10.35 -13.61
C SER B 71 -10.32 10.84 -12.42
N LEU B 72 -10.86 11.77 -11.65
CA LEU B 72 -10.18 12.32 -10.46
C LEU B 72 -10.14 11.30 -9.31
N LEU B 73 -11.20 10.49 -9.24
CA LEU B 73 -11.49 9.58 -8.11
C LEU B 73 -10.82 8.24 -8.38
N ASP B 74 -9.52 8.34 -8.59
CA ASP B 74 -8.65 7.20 -8.86
C ASP B 74 -8.62 6.23 -7.64
N PRO B 75 -9.13 5.01 -7.82
CA PRO B 75 -9.15 4.05 -6.68
C PRO B 75 -7.79 3.69 -6.18
N ALA B 76 -6.76 3.97 -6.97
CA ALA B 76 -5.39 3.71 -6.54
C ALA B 76 -4.99 4.61 -5.35
N LEU B 77 -5.69 5.72 -5.15
CA LEU B 77 -5.50 6.58 -3.96
C LEU B 77 -6.01 6.00 -2.65
N ASN B 78 -6.86 4.96 -2.69
CA ASN B 78 -7.55 4.47 -1.47
C ASN B 78 -6.47 4.20 -0.45
N ARG B 79 -6.70 4.69 0.79
CA ARG B 79 -5.78 4.56 1.94
C ARG B 79 -6.28 3.70 3.09
N ALA B 80 -7.58 3.47 3.21
CA ALA B 80 -8.13 2.88 4.44
C ALA B 80 -7.53 1.48 4.71
N GLU B 81 -7.44 0.66 3.67
CA GLU B 81 -6.91 -0.68 3.88
C GLU B 81 -5.45 -0.70 4.17
N VAL B 82 -4.71 0.19 3.54
CA VAL B 82 -3.27 0.38 3.81
C VAL B 82 -3.10 0.83 5.27
N LEU B 83 -3.93 1.77 5.69
CA LEU B 83 -3.94 2.19 7.12
C LEU B 83 -4.14 1.08 8.08
N ALA B 84 -5.14 0.24 7.83
CA ALA B 84 -5.42 -0.92 8.69
C ALA B 84 -4.15 -1.80 8.77
N ARG B 85 -3.43 -1.99 7.66
CA ARG B 85 -2.17 -2.76 7.69
C ARG B 85 -1.07 -2.09 8.46
N ASP B 86 -0.96 -0.78 8.31
CA ASP B 86 0.00 -0.03 9.12
C ASP B 86 -0.30 -0.23 10.58
N LEU B 87 -1.59 -0.15 10.95
CA LEU B 87 -1.97 -0.25 12.37
C LEU B 87 -1.75 -1.66 12.92
N ASP B 88 -1.98 -2.66 12.08
CA ASP B 88 -1.61 -4.04 12.50
C ASP B 88 -0.12 -4.14 12.84
N LYS B 89 0.72 -3.50 12.05
CA LYS B 89 2.15 -3.48 12.33
C LYS B 89 2.51 -2.60 13.52
N LEU B 90 1.98 -1.39 13.65
CA LEU B 90 2.32 -0.51 14.78
C LEU B 90 1.87 -1.14 16.11
N ASN B 91 0.76 -1.88 16.06
CA ASN B 91 0.18 -2.54 17.23
C ASN B 91 0.58 -4.04 17.33
N GLY B 92 1.02 -4.66 16.23
CA GLY B 92 1.45 -6.07 16.24
C GLY B 92 0.35 -7.14 16.30
N SER B 93 -0.88 -6.69 16.19
CA SER B 93 -2.06 -7.53 16.37
C SER B 93 -3.21 -6.78 15.68
N SER B 94 -4.30 -7.48 15.39
CA SER B 94 -5.48 -6.84 14.81
C SER B 94 -6.37 -6.19 15.89
N GLU B 95 -6.02 -6.41 17.16
CA GLU B 95 -6.81 -5.99 18.32
C GLU B 95 -7.14 -4.49 18.55
N TRP B 96 -6.38 -3.58 17.96
CA TRP B 96 -6.69 -2.14 18.04
C TRP B 96 -8.11 -1.86 17.52
N ARG B 97 -8.64 -2.76 16.67
CA ARG B 97 -9.98 -2.59 16.11
C ARG B 97 -11.03 -2.58 17.23
N SER B 98 -10.70 -3.21 18.35
CA SER B 98 -11.57 -3.31 19.51
C SER B 98 -11.39 -2.16 20.45
N ARG B 99 -10.33 -1.35 20.27
CA ARG B 99 -9.94 -0.38 21.26
C ARG B 99 -9.78 1.03 20.69
N ILE B 100 -10.57 1.39 19.71
CA ILE B 100 -10.49 2.75 19.21
C ILE B 100 -11.85 3.35 19.05
N THR B 101 -11.92 4.67 19.09
CA THR B 101 -13.20 5.33 18.87
C THR B 101 -12.88 6.69 18.28
N ALA B 102 -13.79 7.23 17.50
CA ALA B 102 -13.59 8.58 16.90
C ALA B 102 -13.50 9.71 17.99
N SER B 103 -12.47 10.56 18.01
CA SER B 103 -12.47 11.69 18.94
C SER B 103 -13.65 12.62 18.55
N PRO B 104 -14.04 13.58 19.43
CA PRO B 104 -15.15 14.41 19.03
C PRO B 104 -15.01 15.04 17.68
N ALA B 105 -13.82 15.55 17.36
CA ALA B 105 -13.59 16.17 16.06
C ALA B 105 -13.75 15.19 14.90
N VAL B 106 -13.37 13.91 15.12
CA VAL B 106 -13.52 12.90 14.05
C VAL B 106 -14.96 12.49 13.90
N ILE B 107 -15.73 12.51 14.99
CA ILE B 107 -17.18 12.29 14.86
C ILE B 107 -17.80 13.29 13.91
N ASP B 108 -17.45 14.57 14.08
CA ASP B 108 -18.03 15.63 13.24
C ASP B 108 -17.59 15.47 11.80
N TYR B 109 -16.30 15.17 11.60
CA TYR B 109 -15.74 14.99 10.27
C TYR B 109 -16.41 13.76 9.57
N VAL B 110 -16.48 12.64 10.26
CA VAL B 110 -17.16 11.46 9.73
C VAL B 110 -18.67 11.73 9.42
N ASN B 111 -19.33 12.46 10.31
CA ASN B 111 -20.75 12.84 10.06
C ASN B 111 -20.91 13.57 8.72
N ARG B 112 -20.01 14.53 8.50
CA ARG B 112 -20.04 15.32 7.22
C ARG B 112 -19.76 14.44 6.01
N LEU B 113 -18.76 13.56 6.11
CA LEU B 113 -18.44 12.66 4.99
C LEU B 113 -19.62 11.72 4.70
N GLU B 114 -20.31 11.25 5.74
CA GLU B 114 -21.48 10.39 5.54
C GLU B 114 -22.66 11.13 4.92
N GLU B 115 -22.83 12.39 5.31
CA GLU B 115 -23.87 13.27 4.71
C GLU B 115 -23.56 13.45 3.23
N ILE B 116 -22.26 13.63 2.90
CA ILE B 116 -21.80 13.82 1.52
C ILE B 116 -22.16 12.53 0.72
N ARG B 117 -21.89 11.36 1.27
CA ARG B 117 -22.18 10.05 0.66
C ARG B 117 -23.70 9.87 0.49
N ASP B 118 -24.46 10.13 1.55
CA ASP B 118 -25.93 10.05 1.46
C ASP B 118 -26.57 11.01 0.46
N ASN B 119 -26.08 12.25 0.40
CA ASN B 119 -26.64 13.24 -0.54
C ASN B 119 -26.00 13.13 -1.92
N VAL B 120 -25.00 12.26 -2.04
CA VAL B 120 -24.15 12.14 -3.27
C VAL B 120 -23.75 13.54 -3.81
N ASP B 121 -23.12 14.30 -2.91
CA ASP B 121 -22.71 15.65 -3.15
C ASP B 121 -21.36 15.61 -3.80
N GLY B 122 -21.35 15.61 -5.13
CA GLY B 122 -20.09 15.39 -5.84
C GLY B 122 -19.06 16.51 -5.62
N PRO B 123 -19.46 17.80 -5.83
CA PRO B 123 -18.57 18.94 -5.53
C PRO B 123 -17.97 18.96 -4.10
N ALA B 124 -18.78 18.73 -3.09
CA ALA B 124 -18.27 18.68 -1.69
C ALA B 124 -17.28 17.53 -1.53
N LEU B 125 -17.64 16.39 -2.07
CA LEU B 125 -16.66 15.28 -2.11
C LEU B 125 -15.31 15.62 -2.75
N VAL B 126 -15.30 16.33 -3.89
CA VAL B 126 -14.03 16.69 -4.56
C VAL B 126 -13.19 17.60 -3.64
N ALA B 127 -13.86 18.48 -2.94
CA ALA B 127 -13.22 19.33 -1.96
C ALA B 127 -12.46 18.50 -0.88
N HIS B 128 -13.13 17.50 -0.30
CA HIS B 128 -12.48 16.62 0.69
C HIS B 128 -11.36 15.77 0.07
N HIS B 129 -11.56 15.30 -1.16
CA HIS B 129 -10.58 14.48 -1.88
C HIS B 129 -9.29 15.33 -2.07
N TYR B 130 -9.47 16.59 -2.49
CA TYR B 130 -8.30 17.51 -2.66
C TYR B 130 -7.53 17.69 -1.33
N VAL B 131 -8.29 18.00 -0.29
CA VAL B 131 -7.72 18.20 1.03
C VAL B 131 -6.94 16.99 1.53
N ARG B 132 -7.52 15.80 1.42
CA ARG B 132 -6.81 14.67 1.94
C ARG B 132 -5.73 14.12 1.01
N TYR B 133 -6.14 13.72 -0.21
CA TYR B 133 -5.19 13.06 -1.11
C TYR B 133 -4.10 13.94 -1.70
N LEU B 134 -4.38 15.19 -2.06
CA LEU B 134 -3.33 16.00 -2.64
C LEU B 134 -2.33 16.35 -1.55
N GLY B 135 -2.82 16.51 -0.31
CA GLY B 135 -1.90 16.58 0.86
C GLY B 135 -1.01 15.34 1.05
N ASP B 136 -1.60 14.16 0.99
CA ASP B 136 -0.88 12.89 1.11
C ASP B 136 0.16 12.80 0.00
N LEU B 137 -0.23 13.13 -1.22
CA LEU B 137 0.73 13.02 -2.34
C LEU B 137 1.82 14.06 -2.21
N SER B 138 1.54 15.16 -1.49
CA SER B 138 2.51 16.25 -1.34
C SER B 138 3.25 16.13 -0.01
N GLY B 139 2.79 16.83 1.02
CA GLY B 139 3.53 16.94 2.29
C GLY B 139 3.67 15.58 2.96
N GLY B 140 2.87 14.62 2.50
CA GLY B 140 2.69 13.33 3.17
C GLY B 140 3.98 12.53 3.31
N GLN B 141 4.73 12.37 2.22
CA GLN B 141 5.96 11.56 2.34
C GLN B 141 7.16 12.21 3.10
N VAL B 142 7.07 13.51 3.38
CA VAL B 142 8.06 14.08 4.31
C VAL B 142 7.64 13.75 5.73
N ILE B 143 6.33 13.63 5.96
CA ILE B 143 5.87 13.14 7.27
C ILE B 143 6.44 11.77 7.57
N ALA B 144 6.44 10.88 6.58
CA ALA B 144 6.92 9.49 6.81
C ALA B 144 8.41 9.53 7.18
N ARG B 145 9.11 10.46 6.56
CA ARG B 145 10.54 10.63 6.83
C ARG B 145 10.78 11.10 8.23
N MET B 146 9.99 12.06 8.66
CA MET B 146 10.05 12.52 10.04
C MET B 146 9.69 11.44 11.07
N MET B 147 8.73 10.55 10.77
CA MET B 147 8.37 9.46 11.72
C MET B 147 9.49 8.42 11.92
N GLN B 148 10.15 8.12 10.83
CA GLN B 148 11.28 7.22 10.86
C GLN B 148 12.39 7.86 11.67
N ARG B 149 12.75 9.09 11.27
CA ARG B 149 13.89 9.80 11.83
C ARG B 149 13.67 10.06 13.29
N HIS B 150 12.50 10.54 13.67
CA HIS B 150 12.32 10.87 15.07
C HIS B 150 12.03 9.72 15.99
N TYR B 151 11.34 8.68 15.50
CA TYR B 151 10.69 7.69 16.40
C TYR B 151 11.06 6.24 16.06
N GLY B 152 11.75 6.07 14.93
CA GLY B 152 12.25 4.78 14.57
C GLY B 152 11.20 3.89 13.95
N VAL B 153 10.10 4.50 13.48
CA VAL B 153 9.03 3.72 12.89
C VAL B 153 9.51 3.06 11.62
N ASP B 154 9.13 1.80 11.43
CA ASP B 154 9.68 0.99 10.36
C ASP B 154 8.90 1.30 9.09
N PRO B 155 9.57 1.25 7.92
CA PRO B 155 8.81 1.62 6.72
C PRO B 155 7.54 0.80 6.50
N GLU B 156 7.53 -0.44 6.97
CA GLU B 156 6.34 -1.33 6.92
C GLU B 156 5.12 -0.74 7.63
N ALA B 157 5.33 0.19 8.55
CA ALA B 157 4.20 0.73 9.30
C ALA B 157 3.88 2.14 8.81
N LEU B 158 4.43 2.48 7.64
CA LEU B 158 4.26 3.79 7.02
C LEU B 158 3.77 3.64 5.60
N GLY B 159 3.10 2.51 5.28
CA GLY B 159 2.52 2.32 3.92
C GLY B 159 1.51 3.43 3.58
N PHE B 160 0.85 4.00 4.57
CA PHE B 160 -0.10 5.07 4.29
C PHE B 160 0.48 6.16 3.38
N TYR B 161 1.74 6.50 3.66
CA TYR B 161 2.43 7.64 3.04
C TYR B 161 3.05 7.29 1.68
N HIS B 162 2.91 6.04 1.25
CA HIS B 162 3.47 5.50 0.02
C HIS B 162 2.39 5.07 -0.99
N PHE B 163 2.48 5.55 -2.22
CA PHE B 163 1.47 5.21 -3.21
C PHE B 163 2.02 4.21 -4.19
N GLU B 164 1.66 2.95 -4.00
CA GLU B 164 2.30 1.88 -4.78
C GLU B 164 2.09 2.04 -6.27
N GLY B 165 0.94 2.52 -6.67
CA GLY B 165 0.68 2.65 -8.09
C GLY B 165 1.27 3.86 -8.77
N ILE B 166 2.02 4.68 -8.04
CA ILE B 166 2.39 6.01 -8.56
C ILE B 166 3.88 6.33 -8.35
N ALA B 167 4.74 6.12 -9.35
CA ALA B 167 6.17 6.46 -9.19
C ALA B 167 6.45 7.94 -9.37
N LYS B 168 5.88 8.52 -10.41
CA LYS B 168 6.21 9.89 -10.73
C LYS B 168 5.24 10.82 -10.06
N LEU B 169 5.45 11.08 -8.78
CA LEU B 169 4.47 11.87 -8.00
C LEU B 169 4.14 13.27 -8.60
N LYS B 170 5.14 13.91 -9.22
CA LYS B 170 5.01 15.26 -9.78
C LYS B 170 4.14 15.23 -11.01
N VAL B 171 4.35 14.22 -11.85
CA VAL B 171 3.48 14.04 -12.99
C VAL B 171 2.04 13.79 -12.54
N TYR B 172 1.84 12.82 -11.66
CA TYR B 172 0.51 12.52 -11.13
C TYR B 172 -0.18 13.75 -10.55
N LYS B 173 0.56 14.55 -9.75
CA LYS B 173 0.00 15.76 -9.12
C LYS B 173 -0.38 16.83 -10.15
N ASP B 174 0.39 16.91 -11.21
CA ASP B 174 0.05 17.82 -12.28
C ASP B 174 -1.19 17.35 -13.06
N GLU B 175 -1.27 16.03 -13.31
CA GLU B 175 -2.47 15.42 -13.90
C GLU B 175 -3.72 15.55 -13.01
N TYR B 176 -3.53 15.46 -11.71
CA TYR B 176 -4.62 15.68 -10.73
C TYR B 176 -5.10 17.16 -10.81
N ARG B 177 -4.16 18.11 -10.72
CA ARG B 177 -4.49 19.55 -10.93
C ARG B 177 -5.20 19.87 -12.26
N GLU B 178 -4.81 19.20 -13.33
CA GLU B 178 -5.49 19.41 -14.60
C GLU B 178 -6.90 18.85 -14.62
N LYS B 179 -7.10 17.73 -13.94
CA LYS B 179 -8.42 17.14 -13.81
C LYS B 179 -9.35 18.11 -13.04
N LEU B 180 -8.81 18.75 -11.99
CA LEU B 180 -9.49 19.80 -11.24
C LEU B 180 -9.80 20.97 -12.15
N ASN B 181 -8.84 21.41 -12.93
CA ASN B 181 -9.10 22.51 -13.86
C ASN B 181 -10.14 22.19 -14.90
N ASN B 182 -10.26 20.92 -15.26
CA ASN B 182 -11.20 20.52 -16.34
C ASN B 182 -12.61 20.04 -15.91
N LEU B 183 -12.82 20.01 -14.62
CA LEU B 183 -14.07 19.68 -14.02
C LEU B 183 -15.08 20.79 -14.36
N GLU B 184 -16.15 20.39 -15.05
CA GLU B 184 -17.19 21.33 -15.46
C GLU B 184 -18.05 21.57 -14.22
N LEU B 185 -18.10 22.81 -13.78
CA LEU B 185 -18.81 23.15 -12.54
C LEU B 185 -19.65 24.40 -12.81
N SER B 186 -20.89 24.49 -12.32
CA SER B 186 -21.59 25.74 -12.45
C SER B 186 -21.07 26.66 -11.35
N ASP B 187 -21.53 27.90 -11.39
CA ASP B 187 -21.07 28.84 -10.41
C ASP B 187 -21.44 28.34 -9.03
N GLU B 188 -22.65 27.83 -8.86
CA GLU B 188 -23.07 27.39 -7.53
C GLU B 188 -22.24 26.21 -7.07
N GLN B 189 -22.05 25.23 -7.93
CA GLN B 189 -21.23 24.05 -7.57
C GLN B 189 -19.80 24.46 -7.16
N ARG B 190 -19.19 25.35 -7.95
CA ARG B 190 -17.82 25.81 -7.61
C ARG B 190 -17.76 26.51 -6.24
N GLU B 191 -18.74 27.38 -5.97
CA GLU B 191 -18.75 28.08 -4.69
C GLU B 191 -18.92 27.14 -3.51
N HIS B 192 -19.81 26.15 -3.64
CA HIS B 192 -20.02 25.13 -2.65
C HIS B 192 -18.76 24.27 -2.44
N LEU B 193 -18.16 23.78 -3.52
CA LEU B 193 -16.86 23.07 -3.45
C LEU B 193 -15.84 23.90 -2.66
N LEU B 194 -15.65 25.18 -2.99
CA LEU B 194 -14.61 25.98 -2.33
C LEU B 194 -14.91 26.20 -0.84
N LYS B 195 -16.16 26.41 -0.48
CA LYS B 195 -16.53 26.48 0.93
C LYS B 195 -16.22 25.17 1.62
N GLU B 196 -16.62 24.03 1.03
CA GLU B 196 -16.36 22.73 1.64
C GLU B 196 -14.87 22.50 1.85
N ALA B 197 -14.05 23.02 0.94
CA ALA B 197 -12.60 22.80 1.05
C ALA B 197 -12.02 23.44 2.32
N THR B 198 -12.44 24.64 2.64
CA THR B 198 -12.02 25.26 3.88
C THR B 198 -12.58 24.51 5.10
N ASP B 199 -13.82 24.02 5.02
CA ASP B 199 -14.39 23.24 6.11
C ASP B 199 -13.59 21.98 6.34
N ALA B 200 -13.08 21.36 5.27
CA ALA B 200 -12.32 20.13 5.39
C ALA B 200 -10.97 20.36 6.14
N PHE B 201 -10.33 21.46 5.78
CA PHE B 201 -9.12 21.86 6.49
C PHE B 201 -9.41 22.14 7.97
N VAL B 202 -10.52 22.80 8.27
CA VAL B 202 -10.94 23.02 9.68
C VAL B 202 -11.21 21.69 10.38
N PHE B 203 -11.92 20.76 9.73
CA PHE B 203 -12.08 19.43 10.35
C PHE B 203 -10.74 18.79 10.72
N ASN B 204 -9.78 18.85 9.81
CA ASN B 204 -8.45 18.25 10.08
C ASN B 204 -7.72 18.97 11.19
N HIS B 205 -7.84 20.29 11.21
CA HIS B 205 -7.21 21.08 12.25
C HIS B 205 -7.78 20.66 13.61
N GLN B 206 -9.08 20.42 13.69
CA GLN B 206 -9.72 20.02 14.95
C GLN B 206 -9.38 18.59 15.41
N VAL B 207 -9.12 17.69 14.47
CA VAL B 207 -8.55 16.38 14.75
C VAL B 207 -7.24 16.53 15.49
N PHE B 208 -6.35 17.39 15.00
CA PHE B 208 -5.08 17.64 15.66
C PHE B 208 -5.24 18.23 17.06
N ALA B 209 -6.17 19.17 17.20
CA ALA B 209 -6.39 19.81 18.47
C ALA B 209 -6.84 18.78 19.53
N ASP B 210 -7.73 17.86 19.15
CA ASP B 210 -8.18 16.79 20.03
C ASP B 210 -7.02 15.88 20.41
N LEU B 211 -6.18 15.56 19.43
CA LEU B 211 -5.04 14.66 19.71
C LEU B 211 -4.09 15.34 20.64
N GLY B 212 -3.88 16.64 20.43
CA GLY B 212 -2.95 17.37 21.28
C GLY B 212 -3.44 17.47 22.71
N LYS B 213 -4.77 17.53 22.87
CA LYS B 213 -5.39 17.77 24.17
C LYS B 213 -5.39 16.57 25.09
N GLY B 214 -5.19 15.37 24.54
CA GLY B 214 -5.40 14.13 25.30
C GLY B 214 -6.59 13.27 24.84
N LEU B 215 -7.44 13.84 23.99
CA LEU B 215 -8.60 13.13 23.43
C LEU B 215 -8.19 12.24 22.25
N ALA C 6 -9.18 -43.07 6.82
CA ALA C 6 -10.11 -42.47 5.80
C ALA C 6 -9.40 -41.25 5.27
N GLY C 7 -9.93 -40.65 4.19
CA GLY C 7 -9.39 -39.42 3.60
C GLY C 7 -9.61 -38.29 4.58
N LEU C 8 -8.81 -37.24 4.50
CA LEU C 8 -8.86 -36.22 5.54
C LEU C 8 -10.25 -35.56 5.65
N ALA C 9 -10.92 -35.37 4.52
CA ALA C 9 -12.28 -34.73 4.56
C ALA C 9 -13.26 -35.56 5.44
N VAL C 10 -13.30 -36.87 5.22
CA VAL C 10 -14.04 -37.78 6.07
C VAL C 10 -13.59 -37.85 7.53
N GLU C 11 -12.30 -38.05 7.77
CA GLU C 11 -11.79 -38.01 9.14
C GLU C 11 -12.13 -36.72 9.92
N LEU C 12 -11.96 -35.56 9.27
CA LEU C 12 -12.34 -34.25 9.80
C LEU C 12 -13.78 -34.24 10.27
N LYS C 13 -14.66 -34.71 9.40
CA LYS C 13 -16.11 -34.65 9.69
C LYS C 13 -16.43 -35.51 10.91
N GLN C 14 -15.91 -36.71 10.87
CA GLN C 14 -16.06 -37.66 11.95
C GLN C 14 -15.39 -37.20 13.26
N SER C 15 -14.14 -36.77 13.16
CA SER C 15 -13.34 -36.37 14.32
C SER C 15 -13.93 -35.17 15.11
N THR C 16 -14.56 -34.25 14.40
CA THR C 16 -15.10 -33.05 15.01
C THR C 16 -16.60 -33.15 15.31
N ALA C 17 -17.21 -34.31 15.03
CA ALA C 17 -18.68 -34.41 15.04
C ALA C 17 -19.32 -33.93 16.36
N GLN C 18 -18.71 -34.29 17.48
CA GLN C 18 -19.24 -33.90 18.79
C GLN C 18 -19.15 -32.36 19.03
N ALA C 19 -18.00 -31.78 18.71
CA ALA C 19 -17.77 -30.35 18.91
C ALA C 19 -18.60 -29.54 17.93
N HIS C 20 -18.79 -30.14 16.74
CA HIS C 20 -19.63 -29.57 15.69
C HIS C 20 -21.11 -29.50 16.17
N GLU C 21 -21.62 -30.63 16.66
CA GLU C 21 -23.01 -30.66 17.16
C GLU C 21 -23.26 -29.64 18.29
N LYS C 22 -22.34 -29.56 19.25
CA LYS C 22 -22.51 -28.63 20.38
C LYS C 22 -22.47 -27.16 19.99
N ALA C 23 -21.66 -26.82 18.99
CA ALA C 23 -21.61 -25.45 18.52
C ALA C 23 -22.94 -25.09 17.87
N GLU C 24 -23.34 -25.91 16.90
CA GLU C 24 -24.62 -25.80 16.18
C GLU C 24 -25.88 -25.81 17.04
N HIS C 25 -25.88 -26.59 18.11
CA HIS C 25 -27.03 -26.65 19.00
C HIS C 25 -27.00 -25.54 20.05
N SER C 26 -26.10 -24.57 19.90
CA SER C 26 -25.94 -23.54 20.91
C SER C 26 -27.27 -22.80 21.05
N THR C 27 -27.68 -22.50 22.29
CA THR C 27 -28.91 -21.77 22.53
C THR C 27 -29.03 -20.46 21.74
N PHE C 28 -27.94 -19.73 21.61
CA PHE C 28 -27.98 -18.46 20.90
C PHE C 28 -28.26 -18.62 19.40
N MET C 29 -27.51 -19.49 18.73
CA MET C 29 -27.73 -19.70 17.31
C MET C 29 -29.09 -20.28 17.04
N SER C 30 -29.47 -21.24 17.89
CA SER C 30 -30.75 -21.87 17.78
C SER C 30 -31.80 -20.82 17.91
N ASP C 31 -31.71 -19.99 18.93
CA ASP C 31 -32.75 -19.00 19.17
C ASP C 31 -32.74 -17.95 18.03
N LEU C 32 -31.54 -17.61 17.53
CA LEU C 32 -31.41 -16.62 16.44
C LEU C 32 -32.08 -17.12 15.15
N LEU C 33 -31.78 -18.34 14.74
CA LEU C 33 -32.36 -18.88 13.51
C LEU C 33 -33.86 -19.19 13.56
N LYS C 34 -34.36 -19.48 14.76
CA LYS C 34 -35.76 -19.89 14.91
C LYS C 34 -36.60 -18.67 15.07
N GLY C 35 -35.98 -17.50 15.16
CA GLY C 35 -36.74 -16.25 15.12
C GLY C 35 -37.01 -15.67 16.49
N ARG C 36 -36.33 -16.19 17.51
CA ARG C 36 -36.63 -15.82 18.90
C ARG C 36 -35.88 -14.58 19.37
N LEU C 37 -34.84 -14.19 18.63
CA LEU C 37 -34.07 -12.98 18.95
C LEU C 37 -34.51 -11.86 18.03
N GLY C 38 -33.57 -11.13 17.43
CA GLY C 38 -33.94 -10.06 16.52
C GLY C 38 -32.70 -9.54 15.80
N VAL C 39 -32.87 -8.47 15.05
CA VAL C 39 -31.77 -7.84 14.33
C VAL C 39 -30.59 -7.35 15.22
N ALA C 40 -30.86 -6.83 16.43
CA ALA C 40 -29.80 -6.40 17.36
C ALA C 40 -28.89 -7.59 17.63
N GLU C 41 -29.47 -8.78 17.76
CA GLU C 41 -28.61 -9.94 18.02
C GLU C 41 -27.83 -10.36 16.79
N PHE C 42 -28.50 -10.39 15.64
CA PHE C 42 -27.82 -10.64 14.38
C PHE C 42 -26.64 -9.69 14.17
N THR C 43 -26.83 -8.41 14.45
CA THR C 43 -25.76 -7.43 14.21
C THR C 43 -24.61 -7.67 15.18
N ARG C 44 -24.89 -8.01 16.42
CA ARG C 44 -23.75 -8.30 17.35
C ARG C 44 -22.91 -9.49 16.87
N LEU C 45 -23.61 -10.47 16.30
CA LEU C 45 -22.94 -11.66 15.77
C LEU C 45 -22.01 -11.26 14.66
N GLN C 46 -22.52 -10.48 13.69
CA GLN C 46 -21.69 -10.06 12.56
C GLN C 46 -20.56 -9.17 12.99
N GLU C 47 -20.73 -8.34 14.03
CA GLU C 47 -19.62 -7.56 14.56
C GLU C 47 -18.50 -8.44 15.08
N GLN C 48 -18.86 -9.42 15.90
CA GLN C 48 -17.85 -10.37 16.41
C GLN C 48 -17.17 -11.10 15.25
N ALA C 49 -17.95 -11.57 14.29
CA ALA C 49 -17.38 -12.27 13.11
C ALA C 49 -16.42 -11.40 12.30
N TRP C 50 -16.76 -10.13 12.09
CA TRP C 50 -15.76 -9.25 11.46
C TRP C 50 -14.37 -9.28 12.18
N LEU C 51 -14.38 -9.27 13.50
CA LEU C 51 -13.12 -9.23 14.21
C LEU C 51 -12.40 -10.55 14.05
N PHE C 52 -13.14 -11.67 14.10
CA PHE C 52 -12.46 -12.93 13.96
C PHE C 52 -12.14 -13.37 12.52
N TYR C 53 -12.96 -13.02 11.54
CA TYR C 53 -12.53 -13.26 10.14
C TYR C 53 -11.38 -12.35 9.77
N THR C 54 -11.35 -11.15 10.30
CA THR C 54 -10.18 -10.32 10.04
C THR C 54 -8.86 -11.06 10.41
N ALA C 55 -8.82 -11.56 11.64
CA ALA C 55 -7.64 -12.28 12.12
C ALA C 55 -7.43 -13.61 11.36
N LEU C 56 -8.53 -14.33 11.12
CA LEU C 56 -8.45 -15.55 10.31
C LEU C 56 -7.76 -15.30 8.97
N GLU C 57 -8.22 -14.27 8.26
CA GLU C 57 -7.74 -14.02 6.93
C GLU C 57 -6.29 -13.52 6.90
N GLN C 58 -5.84 -12.86 7.96
CA GLN C 58 -4.41 -12.56 8.12
C GLN C 58 -3.56 -13.84 8.29
N ALA C 59 -4.05 -14.78 9.10
CA ALA C 59 -3.48 -16.11 9.16
C ALA C 59 -3.45 -16.89 7.82
N VAL C 60 -4.57 -17.02 7.13
CA VAL C 60 -4.63 -17.59 5.75
C VAL C 60 -3.56 -16.97 4.84
N ASP C 61 -3.51 -15.65 4.80
CA ASP C 61 -2.58 -14.94 3.93
C ASP C 61 -1.13 -15.37 4.23
N ALA C 62 -0.79 -15.49 5.53
CA ALA C 62 0.57 -15.83 5.91
C ALA C 62 0.86 -17.26 5.50
N VAL C 63 -0.10 -18.16 5.75
CA VAL C 63 0.12 -19.57 5.37
C VAL C 63 0.23 -19.71 3.83
N ARG C 64 -0.67 -19.08 3.09
CA ARG C 64 -0.62 -19.17 1.65
C ARG C 64 0.73 -18.67 1.13
N ALA C 65 1.28 -17.62 1.78
CA ALA C 65 2.56 -17.04 1.34
C ALA C 65 3.67 -18.04 1.54
N SER C 66 3.55 -18.88 2.56
CA SER C 66 4.54 -19.91 2.80
C SER C 66 4.43 -21.08 1.80
N GLY C 67 3.42 -21.03 0.95
CA GLY C 67 3.22 -22.04 -0.06
C GLY C 67 2.51 -23.33 0.37
N PHE C 68 1.83 -23.30 1.50
CA PHE C 68 1.17 -24.47 2.05
C PHE C 68 -0.33 -24.39 1.70
N ALA C 69 -0.88 -25.49 1.17
CA ALA C 69 -2.32 -25.59 0.95
C ALA C 69 -2.79 -24.53 -0.03
N GLU C 70 -1.99 -24.19 -1.03
CA GLU C 70 -2.31 -22.99 -1.85
C GLU C 70 -3.67 -23.02 -2.60
N SER C 71 -3.99 -24.15 -3.26
CA SER C 71 -5.26 -24.23 -3.97
C SER C 71 -6.46 -24.25 -3.02
N LEU C 72 -6.27 -24.74 -1.79
CA LEU C 72 -7.35 -24.71 -0.81
C LEU C 72 -7.67 -23.27 -0.38
N LEU C 73 -6.61 -22.44 -0.29
CA LEU C 73 -6.69 -21.08 0.33
C LEU C 73 -7.12 -20.05 -0.72
N ASP C 74 -8.30 -20.34 -1.31
CA ASP C 74 -8.83 -19.53 -2.37
C ASP C 74 -9.17 -18.15 -1.82
N PRO C 75 -8.53 -17.09 -2.36
CA PRO C 75 -8.92 -15.78 -1.79
C PRO C 75 -10.36 -15.36 -2.12
N ALA C 76 -10.98 -15.99 -3.11
CA ALA C 76 -12.40 -15.71 -3.36
C ALA C 76 -13.24 -15.93 -2.10
N LEU C 77 -12.72 -16.70 -1.15
CA LEU C 77 -13.50 -17.02 0.08
C LEU C 77 -13.46 -15.91 1.17
N ASN C 78 -12.57 -14.93 1.02
CA ASN C 78 -12.41 -13.88 2.00
C ASN C 78 -13.78 -13.29 2.37
N ARG C 79 -14.06 -13.27 3.66
CA ARG C 79 -15.27 -12.66 4.22
C ARG C 79 -15.10 -11.27 4.92
N ALA C 80 -13.91 -10.94 5.47
CA ALA C 80 -13.79 -9.72 6.32
C ALA C 80 -14.31 -8.42 5.66
N GLU C 81 -13.91 -8.18 4.41
CA GLU C 81 -14.37 -6.97 3.74
C GLU C 81 -15.85 -6.97 3.41
N VAL C 82 -16.39 -8.14 3.06
CA VAL C 82 -17.83 -8.28 2.83
C VAL C 82 -18.61 -8.04 4.14
N LEU C 83 -18.13 -8.60 5.26
CA LEU C 83 -18.83 -8.41 6.54
C LEU C 83 -18.81 -6.88 6.93
N ALA C 84 -17.69 -6.19 6.76
CA ALA C 84 -17.67 -4.76 7.03
C ALA C 84 -18.74 -4.06 6.16
N ARG C 85 -18.81 -4.41 4.88
CA ARG C 85 -19.86 -3.81 4.03
C ARG C 85 -21.28 -4.16 4.51
N ASP C 86 -21.50 -5.41 4.94
CA ASP C 86 -22.79 -5.75 5.53
C ASP C 86 -23.06 -4.90 6.79
N LEU C 87 -22.06 -4.77 7.70
CA LEU C 87 -22.24 -3.93 8.90
C LEU C 87 -22.53 -2.45 8.58
N ASP C 88 -21.88 -1.92 7.55
CA ASP C 88 -22.18 -0.56 7.11
C ASP C 88 -23.65 -0.46 6.71
N LYS C 89 -24.18 -1.51 6.08
CA LYS C 89 -25.55 -1.40 5.59
C LYS C 89 -26.54 -1.59 6.76
N LEU C 90 -26.26 -2.56 7.63
CA LEU C 90 -27.04 -2.76 8.87
C LEU C 90 -27.12 -1.49 9.75
N ASN C 91 -25.99 -0.79 9.85
CA ASN C 91 -25.88 0.40 10.67
C ASN C 91 -26.21 1.70 10.03
N GLY C 92 -26.30 1.68 8.71
CA GLY C 92 -26.50 2.90 7.95
C GLY C 92 -25.36 3.88 8.08
N SER C 93 -24.20 3.39 8.57
CA SER C 93 -23.05 4.24 8.88
C SER C 93 -21.83 3.39 9.10
N SER C 94 -20.67 4.02 8.99
CA SER C 94 -19.43 3.36 9.26
C SER C 94 -19.12 3.35 10.73
N GLU C 95 -19.88 4.10 11.49
CA GLU C 95 -19.49 4.45 12.84
C GLU C 95 -19.53 3.29 13.84
N TRP C 96 -20.05 2.13 13.45
CA TRP C 96 -19.96 0.93 14.30
C TRP C 96 -18.51 0.65 14.69
N ARG C 97 -17.57 1.07 13.82
CA ARG C 97 -16.18 0.82 14.02
C ARG C 97 -15.70 1.52 15.29
N SER C 98 -16.38 2.59 15.68
CA SER C 98 -16.06 3.37 16.86
C SER C 98 -16.71 2.85 18.16
N ARG C 99 -17.49 1.80 18.06
CA ARG C 99 -18.03 1.21 19.31
C ARG C 99 -17.91 -0.31 19.51
N ILE C 100 -17.52 -1.02 18.47
CA ILE C 100 -17.44 -2.48 18.48
C ILE C 100 -16.32 -2.91 19.41
N THR C 101 -16.54 -3.94 20.24
CA THR C 101 -15.39 -4.53 20.99
C THR C 101 -15.53 -6.05 21.05
N ALA C 102 -14.37 -6.75 21.12
CA ALA C 102 -14.31 -8.21 21.13
C ALA C 102 -14.83 -8.76 22.45
N SER C 103 -15.69 -9.78 22.39
CA SER C 103 -16.14 -10.44 23.60
C SER C 103 -14.96 -11.28 24.09
N PRO C 104 -15.01 -11.74 25.35
CA PRO C 104 -13.90 -12.53 25.82
C PRO C 104 -13.58 -13.74 24.97
N ALA C 105 -14.59 -14.45 24.49
CA ALA C 105 -14.43 -15.60 23.65
C ALA C 105 -13.73 -15.21 22.34
N VAL C 106 -14.09 -14.05 21.73
CA VAL C 106 -13.47 -13.60 20.49
C VAL C 106 -12.01 -13.19 20.72
N ILE C 107 -11.70 -12.62 21.88
CA ILE C 107 -10.27 -12.26 22.20
C ILE C 107 -9.43 -13.54 22.20
N ASP C 108 -9.95 -14.59 22.84
CA ASP C 108 -9.20 -15.86 22.90
C ASP C 108 -9.02 -16.43 21.48
N TYR C 109 -10.08 -16.37 20.67
CA TYR C 109 -10.10 -16.95 19.32
C TYR C 109 -9.17 -16.19 18.40
N VAL C 110 -9.21 -14.87 18.48
CA VAL C 110 -8.31 -14.02 17.69
C VAL C 110 -6.86 -14.26 18.12
N ASN C 111 -6.61 -14.40 19.42
CA ASN C 111 -5.28 -14.71 19.95
C ASN C 111 -4.69 -15.98 19.34
N ARG C 112 -5.51 -17.01 19.22
CA ARG C 112 -5.07 -18.26 18.64
C ARG C 112 -4.78 -18.05 17.14
N LEU C 113 -5.68 -17.38 16.41
CA LEU C 113 -5.48 -17.13 14.98
C LEU C 113 -4.17 -16.31 14.74
N GLU C 114 -3.92 -15.32 15.60
CA GLU C 114 -2.66 -14.55 15.59
C GLU C 114 -1.42 -15.41 15.90
N GLU C 115 -1.55 -16.31 16.85
CA GLU C 115 -0.48 -17.28 17.09
C GLU C 115 -0.22 -18.10 15.83
N ILE C 116 -1.29 -18.60 15.19
CA ILE C 116 -1.15 -19.42 13.95
C ILE C 116 -0.51 -18.64 12.80
N ARG C 117 -0.91 -17.36 12.65
CA ARG C 117 -0.26 -16.44 11.72
C ARG C 117 1.22 -16.27 12.02
N ASP C 118 1.56 -15.98 13.28
CA ASP C 118 2.96 -15.67 13.63
C ASP C 118 3.88 -16.89 13.50
N ASN C 119 3.33 -18.06 13.80
CA ASN C 119 4.07 -19.33 13.72
C ASN C 119 4.00 -19.94 12.34
N VAL C 120 3.15 -19.40 11.48
CA VAL C 120 2.89 -19.89 10.17
C VAL C 120 2.53 -21.40 10.24
N ASP C 121 1.56 -21.72 11.11
CA ASP C 121 1.22 -23.11 11.39
C ASP C 121 0.21 -23.55 10.32
N GLY C 122 0.69 -24.05 9.19
CA GLY C 122 -0.20 -24.41 8.07
C GLY C 122 -1.31 -25.41 8.43
N PRO C 123 -0.95 -26.59 8.95
CA PRO C 123 -2.03 -27.52 9.38
C PRO C 123 -3.11 -26.93 10.30
N ALA C 124 -2.72 -26.16 11.32
CA ALA C 124 -3.68 -25.60 12.23
C ALA C 124 -4.54 -24.60 11.43
N LEU C 125 -3.92 -23.79 10.60
CA LEU C 125 -4.69 -22.86 9.75
C LEU C 125 -5.79 -23.58 8.93
N VAL C 126 -5.42 -24.68 8.28
CA VAL C 126 -6.38 -25.39 7.42
C VAL C 126 -7.53 -25.92 8.25
N ALA C 127 -7.27 -26.34 9.49
CA ALA C 127 -8.39 -26.71 10.39
C ALA C 127 -9.37 -25.55 10.60
N HIS C 128 -8.85 -24.35 10.91
CA HIS C 128 -9.73 -23.20 11.14
C HIS C 128 -10.46 -22.79 9.85
N HIS C 129 -9.82 -23.02 8.71
CA HIS C 129 -10.35 -22.64 7.40
C HIS C 129 -11.53 -23.57 7.07
N TYR C 130 -11.35 -24.86 7.29
CA TYR C 130 -12.43 -25.83 7.08
C TYR C 130 -13.63 -25.53 8.01
N VAL C 131 -13.37 -25.24 9.29
CA VAL C 131 -14.46 -25.08 10.23
C VAL C 131 -15.27 -23.82 9.91
N ARG C 132 -14.61 -22.74 9.51
CA ARG C 132 -15.36 -21.52 9.10
C ARG C 132 -15.92 -21.57 7.68
N TYR C 133 -15.05 -21.68 6.65
CA TYR C 133 -15.52 -21.53 5.26
C TYR C 133 -16.41 -22.63 4.78
N LEU C 134 -16.08 -23.89 5.10
CA LEU C 134 -16.95 -25.02 4.68
C LEU C 134 -18.40 -24.94 5.25
N GLY C 135 -18.51 -24.62 6.53
CA GLY C 135 -19.75 -24.25 7.16
C GLY C 135 -20.50 -23.10 6.50
N ASP C 136 -19.79 -21.99 6.25
CA ASP C 136 -20.42 -20.83 5.56
C ASP C 136 -20.89 -21.31 4.19
N LEU C 137 -20.08 -22.11 3.48
CA LEU C 137 -20.51 -22.53 2.16
C LEU C 137 -21.67 -23.51 2.22
N SER C 138 -21.80 -24.26 3.30
CA SER C 138 -22.80 -25.34 3.35
C SER C 138 -24.14 -24.89 3.92
N GLY C 139 -24.07 -23.98 4.88
CA GLY C 139 -25.23 -23.59 5.65
C GLY C 139 -25.57 -22.12 5.58
N GLY C 140 -24.82 -21.35 4.80
CA GLY C 140 -25.02 -19.88 4.79
C GLY C 140 -26.31 -19.40 4.18
N GLN C 141 -26.76 -20.08 3.15
CA GLN C 141 -28.03 -19.75 2.49
C GLN C 141 -29.18 -19.95 3.48
N VAL C 142 -29.04 -20.92 4.40
CA VAL C 142 -30.06 -21.12 5.41
C VAL C 142 -30.19 -19.94 6.37
N ILE C 143 -29.04 -19.53 6.91
CA ILE C 143 -29.01 -18.50 7.91
C ILE C 143 -29.51 -17.22 7.26
N ALA C 144 -29.05 -16.94 6.04
CA ALA C 144 -29.51 -15.70 5.39
C ALA C 144 -31.03 -15.64 5.20
N ARG C 145 -31.61 -16.78 4.79
CA ARG C 145 -33.06 -16.87 4.58
C ARG C 145 -33.79 -16.61 5.88
N MET C 146 -33.31 -17.19 6.97
CA MET C 146 -33.96 -17.04 8.26
C MET C 146 -33.89 -15.61 8.74
N MET C 147 -32.77 -14.91 8.47
CA MET C 147 -32.65 -13.47 8.81
C MET C 147 -33.60 -12.60 8.01
N GLN C 148 -33.81 -12.92 6.75
CA GLN C 148 -34.89 -12.18 6.05
C GLN C 148 -36.24 -12.57 6.62
N ARG C 149 -36.52 -13.87 6.66
CA ARG C 149 -37.85 -14.33 7.06
C ARG C 149 -38.23 -13.82 8.44
N HIS C 150 -37.38 -14.04 9.44
CA HIS C 150 -37.80 -13.77 10.83
C HIS C 150 -37.67 -12.31 11.18
N TYR C 151 -36.65 -11.66 10.64
CA TYR C 151 -36.28 -10.32 11.11
C TYR C 151 -36.34 -9.22 10.03
N GLY C 152 -36.64 -9.59 8.79
CA GLY C 152 -36.78 -8.61 7.72
C GLY C 152 -35.45 -7.98 7.32
N VAL C 153 -34.34 -8.62 7.66
CA VAL C 153 -33.05 -8.16 7.17
C VAL C 153 -32.95 -8.13 5.63
N ASP C 154 -32.44 -7.04 5.11
CA ASP C 154 -32.30 -6.77 3.67
C ASP C 154 -31.15 -7.62 3.17
N PRO C 155 -31.34 -8.32 2.03
CA PRO C 155 -30.31 -9.10 1.35
C PRO C 155 -29.02 -8.34 1.10
N GLU C 156 -29.09 -7.02 0.92
CA GLU C 156 -27.86 -6.24 0.75
C GLU C 156 -27.00 -6.24 2.01
N ALA C 157 -27.58 -6.64 3.14
CA ALA C 157 -26.88 -6.70 4.41
C ALA C 157 -26.52 -8.18 4.74
N LEU C 158 -26.69 -9.07 3.78
CA LEU C 158 -26.42 -10.50 4.03
C LEU C 158 -25.36 -11.01 3.06
N GLY C 159 -24.53 -10.11 2.56
CA GLY C 159 -23.49 -10.43 1.56
C GLY C 159 -22.50 -11.48 2.04
N PHE C 160 -22.26 -11.51 3.35
CA PHE C 160 -21.40 -12.52 3.99
C PHE C 160 -21.81 -13.95 3.56
N TYR C 161 -23.12 -14.16 3.42
CA TYR C 161 -23.64 -15.47 3.18
C TYR C 161 -23.70 -15.82 1.73
N HIS C 162 -23.21 -14.94 0.87
CA HIS C 162 -23.21 -15.18 -0.57
C HIS C 162 -21.79 -15.12 -1.10
N PHE C 163 -21.45 -16.02 -2.02
CA PHE C 163 -20.04 -16.07 -2.47
C PHE C 163 -19.83 -15.54 -3.87
N GLU C 164 -20.31 -16.34 -4.81
CA GLU C 164 -20.33 -15.99 -6.24
C GLU C 164 -19.29 -15.01 -6.82
N GLY C 165 -18.09 -15.54 -6.96
CA GLY C 165 -17.41 -15.53 -8.23
C GLY C 165 -17.45 -17.04 -8.39
N ILE C 166 -17.66 -17.69 -7.23
CA ILE C 166 -17.82 -19.13 -7.09
C ILE C 166 -19.02 -19.62 -7.89
N ALA C 167 -18.68 -20.26 -8.99
CA ALA C 167 -19.65 -20.62 -9.99
C ALA C 167 -20.71 -21.61 -9.47
N LYS C 168 -20.26 -22.81 -9.16
CA LYS C 168 -21.14 -23.94 -8.99
C LYS C 168 -20.84 -24.34 -7.58
N LEU C 169 -21.63 -23.84 -6.65
CA LEU C 169 -21.37 -24.01 -5.22
C LEU C 169 -21.25 -25.48 -4.80
N LYS C 170 -22.09 -26.37 -5.31
CA LYS C 170 -21.97 -27.78 -4.95
C LYS C 170 -20.66 -28.41 -5.43
N VAL C 171 -20.29 -28.08 -6.66
CA VAL C 171 -19.00 -28.56 -7.20
C VAL C 171 -17.86 -27.97 -6.42
N TYR C 172 -17.94 -26.68 -6.08
CA TYR C 172 -16.91 -26.06 -5.24
C TYR C 172 -16.71 -26.80 -3.93
N LYS C 173 -17.79 -27.10 -3.23
CA LYS C 173 -17.70 -27.86 -1.97
C LYS C 173 -17.11 -29.25 -2.14
N ASP C 174 -17.58 -30.02 -3.13
CA ASP C 174 -16.94 -31.29 -3.48
C ASP C 174 -15.45 -31.15 -3.68
N GLU C 175 -15.04 -30.18 -4.48
CA GLU C 175 -13.62 -29.99 -4.74
C GLU C 175 -12.82 -29.46 -3.53
N TYR C 176 -13.47 -28.69 -2.67
CA TYR C 176 -12.86 -28.31 -1.42
C TYR C 176 -12.52 -29.58 -0.62
N ARG C 177 -13.47 -30.51 -0.54
CA ARG C 177 -13.20 -31.74 0.22
C ARG C 177 -12.13 -32.57 -0.50
N GLU C 178 -12.08 -32.44 -1.83
CA GLU C 178 -11.05 -33.16 -2.60
C GLU C 178 -9.67 -32.61 -2.32
N LYS C 179 -9.53 -31.29 -2.29
CA LYS C 179 -8.30 -30.64 -1.88
C LYS C 179 -7.80 -31.04 -0.49
N LEU C 180 -8.72 -31.22 0.44
CA LEU C 180 -8.35 -31.71 1.76
C LEU C 180 -7.76 -33.11 1.67
N ASN C 181 -8.45 -33.98 0.94
CA ASN C 181 -8.00 -35.33 0.67
C ASN C 181 -6.65 -35.36 0.02
N ASN C 182 -6.36 -34.37 -0.81
CA ASN C 182 -5.13 -34.39 -1.59
C ASN C 182 -3.96 -33.63 -0.97
N LEU C 183 -4.19 -33.01 0.16
CA LEU C 183 -3.15 -32.31 0.90
C LEU C 183 -2.16 -33.37 1.39
N GLU C 184 -0.89 -33.20 1.06
CA GLU C 184 0.08 -34.19 1.50
C GLU C 184 0.45 -33.86 2.97
N LEU C 185 0.08 -34.72 3.94
CA LEU C 185 0.42 -34.44 5.33
C LEU C 185 1.10 -35.62 5.99
N SER C 186 2.14 -35.34 6.80
CA SER C 186 2.74 -36.38 7.59
C SER C 186 1.77 -36.71 8.69
N ASP C 187 2.05 -37.78 9.40
CA ASP C 187 1.19 -38.20 10.49
C ASP C 187 1.02 -37.14 11.57
N GLU C 188 2.11 -36.48 11.97
CA GLU C 188 2.07 -35.50 13.02
C GLU C 188 1.29 -34.30 12.49
N GLN C 189 1.43 -33.99 11.21
CA GLN C 189 0.70 -32.78 10.70
C GLN C 189 -0.81 -33.03 10.70
N ARG C 190 -1.17 -34.21 10.21
CA ARG C 190 -2.56 -34.63 10.27
C ARG C 190 -3.13 -34.59 11.69
N GLU C 191 -2.43 -35.15 12.68
CA GLU C 191 -2.97 -35.22 14.03
C GLU C 191 -3.16 -33.82 14.60
N HIS C 192 -2.20 -32.96 14.29
CA HIS C 192 -2.29 -31.58 14.75
C HIS C 192 -3.45 -30.87 14.08
N LEU C 193 -3.63 -31.10 12.79
CA LEU C 193 -4.75 -30.51 12.09
C LEU C 193 -6.07 -30.99 12.69
N LEU C 194 -6.23 -32.30 12.87
CA LEU C 194 -7.46 -32.80 13.43
C LEU C 194 -7.75 -32.26 14.85
N LYS C 195 -6.73 -32.18 15.70
CA LYS C 195 -6.96 -31.62 17.02
C LYS C 195 -7.37 -30.19 16.90
N GLU C 196 -6.75 -29.46 15.99
CA GLU C 196 -7.09 -28.02 15.92
C GLU C 196 -8.54 -27.79 15.47
N ALA C 197 -9.06 -28.72 14.63
CA ALA C 197 -10.39 -28.58 14.06
C ALA C 197 -11.43 -28.69 15.17
N THR C 198 -11.19 -29.58 16.11
CA THR C 198 -11.97 -29.62 17.33
C THR C 198 -11.88 -28.32 18.11
N ASP C 199 -10.67 -27.79 18.20
CA ASP C 199 -10.43 -26.55 18.93
C ASP C 199 -11.19 -25.41 18.29
N ALA C 200 -11.13 -25.33 16.96
CA ALA C 200 -11.84 -24.31 16.21
C ALA C 200 -13.37 -24.32 16.45
N PHE C 201 -13.99 -25.51 16.51
CA PHE C 201 -15.40 -25.59 16.89
C PHE C 201 -15.71 -25.08 18.30
N VAL C 202 -14.87 -25.48 19.26
CA VAL C 202 -15.01 -25.01 20.65
C VAL C 202 -14.97 -23.48 20.74
N PHE C 203 -14.01 -22.88 20.03
CA PHE C 203 -13.92 -21.41 19.98
C PHE C 203 -15.24 -20.82 19.48
N ASN C 204 -15.80 -21.38 18.41
CA ASN C 204 -17.01 -20.76 17.90
C ASN C 204 -18.14 -20.93 18.88
N HIS C 205 -18.20 -22.10 19.53
CA HIS C 205 -19.21 -22.36 20.55
C HIS C 205 -19.10 -21.31 21.67
N GLN C 206 -17.91 -20.99 22.12
CA GLN C 206 -17.76 -19.94 23.15
C GLN C 206 -18.20 -18.56 22.65
N VAL C 207 -17.95 -18.25 21.37
CA VAL C 207 -18.38 -17.01 20.79
C VAL C 207 -19.91 -16.91 20.90
N PHE C 208 -20.59 -18.01 20.57
CA PHE C 208 -22.07 -18.02 20.66
C PHE C 208 -22.53 -17.92 22.11
N ALA C 209 -21.83 -18.62 23.01
CA ALA C 209 -22.15 -18.55 24.43
C ALA C 209 -22.06 -17.13 24.93
N ASP C 210 -21.04 -16.35 24.49
CA ASP C 210 -20.85 -14.97 24.96
C ASP C 210 -21.95 -14.08 24.42
N LEU C 211 -22.26 -14.25 23.14
CA LEU C 211 -23.39 -13.57 22.49
C LEU C 211 -24.69 -13.83 23.24
N GLY C 212 -24.92 -15.08 23.63
CA GLY C 212 -26.14 -15.42 24.36
C GLY C 212 -26.19 -15.00 25.81
N LYS C 213 -25.11 -14.43 26.36
CA LYS C 213 -25.16 -13.96 27.74
C LYS C 213 -25.81 -12.57 27.74
CHA BLA D . 21.99 -1.98 -22.39
NA BLA D . 21.10 -0.05 -21.06
C1A BLA D . 21.60 -1.30 -21.14
C2A BLA D . 21.54 -2.02 -19.85
C3A BLA D . 20.99 -1.02 -18.91
C4A BLA D . 20.77 0.15 -19.77
CMA BLA D . 20.75 -1.15 -17.43
CAA BLA D . 22.01 -3.42 -19.60
CBA BLA D . 20.97 -4.37 -20.17
CGA BLA D . 21.34 -5.72 -19.62
O1A BLA D . 20.60 -6.28 -18.79
O2A BLA D . 22.41 -6.23 -19.99
CHB BLA D . 20.21 1.40 -19.26
NB BLA D . 19.60 2.51 -21.31
C1B BLA D . 19.64 2.52 -19.98
C2B BLA D . 19.08 3.71 -19.32
C3B BLA D . 18.65 4.50 -20.50
C4B BLA D . 19.00 3.66 -21.66
CMB BLA D . 19.03 3.99 -17.85
OB BLA D . 18.80 3.98 -22.88
CAB BLA D . 18.01 5.82 -20.53
CBB BLA D . 17.75 6.43 -19.39
NC BLA D . 21.54 2.83 -24.02
C1C BLA D . 21.42 4.15 -23.81
C2C BLA D . 21.23 5.01 -25.00
C3C BLA D . 21.27 3.98 -26.06
C4C BLA D . 21.47 2.69 -25.36
CMC BLA D . 21.03 6.50 -25.08
OC BLA D . 21.47 4.64 -22.62
CAC BLA D . 21.14 4.22 -27.51
CBC BLA D . 21.85 3.56 -28.39
CHD BLA D . 21.59 1.33 -25.96
ND BLA D . 21.71 -0.11 -23.99
C1D BLA D . 21.80 0.00 -25.34
C2D BLA D . 22.15 -1.27 -26.04
C3D BLA D . 22.26 -2.25 -24.94
C4D BLA D . 21.96 -1.42 -23.76
CMD BLA D . 22.35 -1.57 -27.51
CAD BLA D . 22.58 -3.73 -24.99
CBD BLA D . 23.92 -3.97 -24.30
CGD BLA D . 23.83 -4.86 -23.06
O1D BLA D . 24.82 -4.85 -22.29
O2D BLA D . 22.81 -5.54 -22.83
FE FE E . 20.81 1.34 -22.53
S SO4 F . 28.36 -9.69 -1.05
O1 SO4 F . 28.15 -8.92 0.20
O2 SO4 F . 29.49 -9.22 -1.84
O3 SO4 F . 28.71 -11.07 -0.70
O4 SO4 F . 27.10 -9.68 -1.81
S SO4 G . 9.28 11.67 -24.85
O1 SO4 G . 10.48 11.99 -24.04
O2 SO4 G . 9.51 11.94 -26.26
O3 SO4 G . 8.87 10.25 -24.94
O4 SO4 G . 8.24 12.53 -24.28
S SO4 H . 26.97 -7.14 -22.96
O1 SO4 H . 27.12 -5.68 -23.16
O2 SO4 H . 27.45 -7.96 -24.06
O3 SO4 H . 27.71 -7.38 -21.72
O4 SO4 H . 25.59 -7.67 -22.94
S SO4 I . -4.04 24.09 17.76
O1 SO4 I . -3.74 25.19 16.81
O2 SO4 I . -2.75 23.93 18.40
O3 SO4 I . -5.14 24.53 18.64
O4 SO4 I . -4.32 22.71 17.29
S SO4 J . 4.13 19.76 -6.64
O1 SO4 J . 4.79 19.07 -5.52
O2 SO4 J . 5.04 20.51 -7.49
O3 SO4 J . 3.23 20.72 -5.95
O4 SO4 J . 3.30 18.88 -7.50
S SO4 K . -15.14 12.87 -15.43
O1 SO4 K . -14.02 11.93 -15.55
O2 SO4 K . -14.96 14.22 -14.84
O3 SO4 K . -15.46 13.17 -16.83
O4 SO4 K . -16.32 12.15 -14.86
S SO4 L . 0.61 -1.83 2.00
O1 SO4 L . 1.55 -2.97 1.88
O2 SO4 L . 1.21 -0.52 1.75
O3 SO4 L . 0.15 -2.03 3.38
O4 SO4 L . -0.48 -1.97 1.00
S SO4 M . -6.03 0.93 26.37
O1 SO4 M . -4.95 1.30 27.30
O2 SO4 M . -6.22 2.10 25.53
O3 SO4 M . -5.63 -0.22 25.51
O4 SO4 M . -7.24 0.52 27.12
CHA BLA N . 0.80 20.54 0.33
NA BLA N . -1.00 19.74 1.68
C1A BLA N . -0.63 20.23 0.49
C2A BLA N . -1.64 20.39 -0.40
C3A BLA N . -2.81 19.95 0.27
C4A BLA N . -2.36 19.57 1.52
CMA BLA N . -4.22 19.89 -0.25
CAA BLA N . -1.40 20.90 -1.75
CBA BLA N . -1.58 22.26 -2.13
CGA BLA N . -1.75 22.52 -3.45
O1A BLA N . -0.80 22.36 -4.37
O2A BLA N . -2.92 22.90 -3.66
CHB BLA N . -3.20 19.03 2.62
NB BLA N . -1.67 19.92 4.25
C1B BLA N . -2.82 19.24 4.01
C2B BLA N . -3.58 18.78 5.25
C3B BLA N . -2.70 19.31 6.33
C4B BLA N . -1.58 19.97 5.63
CMB BLA N . -4.88 18.00 5.42
OB BLA N . -0.58 20.56 6.26
CAB BLA N . -2.86 19.19 7.80
CBB BLA N . -1.56 19.48 8.57
NC BLA N . 1.88 18.75 4.69
C1C BLA N . 1.33 18.13 5.75
C2C BLA N . 1.93 18.38 6.99
C3C BLA N . 3.02 19.30 6.63
C4C BLA N . 2.90 19.45 5.24
CMC BLA N . 1.55 17.85 8.36
OC BLA N . 0.32 17.39 5.47
CAC BLA N . 4.02 19.92 7.53
CBC BLA N . 5.31 19.29 7.15
CHD BLA N . 3.71 20.26 4.31
ND BLA N . 1.98 20.44 2.56
C1D BLA N . 3.35 20.27 2.87
C2D BLA N . 4.22 20.19 1.84
C3D BLA N . 3.34 20.27 0.68
C4D BLA N . 1.98 20.43 1.20
CMD BLA N . 5.70 20.02 1.95
CAD BLA N . 3.85 20.20 -0.71
CBD BLA N . 4.34 21.12 -1.40
CGD BLA N . 4.86 22.28 -1.60
O1D BLA N . 5.36 22.67 -2.72
O2D BLA N . 4.84 22.96 -0.55
S SO4 O . -24.89 -22.56 24.64
O1 SO4 O . -23.90 -22.47 25.72
O2 SO4 O . -24.27 -21.89 23.52
O3 SO4 O . -26.08 -21.78 25.01
O4 SO4 O . -25.29 -23.97 24.39
S SO4 P . -34.46 -5.47 17.29
O1 SO4 P . -33.47 -6.53 17.60
O2 SO4 P . -33.76 -4.22 17.10
O3 SO4 P . -35.35 -5.22 18.43
O4 SO4 P . -35.38 -5.91 16.20
S SO4 Q . -1.12 -26.82 -3.04
O1 SO4 Q . -0.50 -27.56 -4.17
O2 SO4 Q . -0.09 -26.11 -2.28
O3 SO4 Q . -1.65 -27.72 -2.00
O4 SO4 Q . -2.12 -25.98 -3.71
S SO4 R . -20.57 -7.58 -1.17
O1 SO4 R . -19.12 -7.71 -1.38
O2 SO4 R . -21.12 -6.83 -2.29
O3 SO4 R . -20.82 -6.84 0.09
O4 SO4 R . -21.20 -8.91 -1.09
CHA BLA S . -22.09 -28.37 7.25
NA BLA S . -21.04 -26.95 8.92
C1A BLA S . -20.90 -27.88 7.96
C2A BLA S . -19.60 -28.26 7.75
C3A BLA S . -18.81 -27.49 8.66
C4A BLA S . -19.72 -26.74 9.35
CMA BLA S . -17.31 -27.52 8.89
CAA BLA S . -19.31 -29.31 6.72
CBA BLA S . -19.05 -30.66 7.18
CGA BLA S . -18.40 -31.54 6.39
O1A BLA S . -18.84 -31.82 5.20
O2A BLA S . -17.33 -32.03 6.84
CHB BLA S . -19.44 -25.72 10.39
NB BLA S . -21.63 -25.69 11.46
C1B BLA S . -20.35 -25.18 11.38
C2B BLA S . -19.98 -24.12 12.35
C3B BLA S . -21.26 -24.00 13.07
C4B BLA S . -22.24 -24.97 12.49
CMB BLA S . -18.69 -23.33 12.60
OB BLA S . -23.53 -25.21 12.88
CAB BLA S . -21.31 -23.03 14.15
CBB BLA S . -22.18 -23.58 15.23
NC BLA S . -23.19 -23.85 9.19
C1C BLA S . -22.84 -22.73 9.98
C2C BLA S . -23.84 -22.41 10.92
C3C BLA S . -24.90 -23.43 10.67
C4C BLA S . -24.44 -24.27 9.62
CMC BLA S . -23.86 -21.28 11.97
OC BLA S . -21.73 -21.97 9.98
CAC BLA S . -26.19 -23.44 11.47
CBC BLA S . -27.29 -24.33 10.96
CHD BLA S . -25.24 -25.45 9.05
ND BLA S . -23.79 -26.79 8.23
C1D BLA S . -25.15 -26.56 8.07
C2D BLA S . -25.68 -27.47 7.17
C3D BLA S . -24.61 -28.32 6.69
C4D BLA S . -23.46 -27.85 7.43
CMD BLA S . -27.15 -27.54 6.76
CAD BLA S . -24.73 -29.45 5.72
CBD BLA S . -24.14 -29.80 4.64
CGD BLA S . -23.75 -30.48 3.59
O1D BLA S . -23.07 -31.59 3.69
O2D BLA S . -24.00 -30.07 2.40
#